data_1LTT
#
_entry.id   1LTT
#
_cell.length_a   119.800
_cell.length_b   101.200
_cell.length_c   64.200
_cell.angle_alpha   90.00
_cell.angle_beta   90.00
_cell.angle_gamma   90.00
#
_symmetry.space_group_name_H-M   'P 21 21 21'
#
loop_
_entity.id
_entity.type
_entity.pdbx_description
1 polymer 'HEAT-LABILE ENTEROTOXIN, SUBUNIT B'
2 polymer 'HEAT-LABILE ENTEROTOXIN, SUBUNIT A'
3 polymer 'HEAT-LABILE ENTEROTOXIN, SUBUNIT A'
4 branched beta-D-galactopyranose-(1-4)-beta-D-glucopyranose
5 water water
#
loop_
_entity_poly.entity_id
_entity_poly.type
_entity_poly.pdbx_seq_one_letter_code
_entity_poly.pdbx_strand_id
1 'polypeptide(L)'
;APQTITELCSEYRNTQIYTINDKILSYTESMAGKREMVIITFKSGETFQVEVPGSQHIDSQKKAIERMKDTLRITYLTET
KIDKLCVWNNKTPNSIAAISMKN
;
D,E,F,G,H
2 'polypeptide(L)'
;RLYRADSRPPDEIKRSGGLMPRGHNEYFDRGTQMNINLYDHARGTQTGFVRYDDGYVSTSLSLRSAHLAGQSILSGYSTY
YIYVIATAPNMFNVNDVLGVYSPHPYEQEVSALGGIPYSQIYGWYRVNFGVIDERLHRNREYRDRYYRNLNIAPAEDGYR
LAGFPPDHQAWREEPWIHHAPQGCG
;
A
3 'polypeptide(L)' GDTCNEETQNLSTIYLREYQSKVKRQIFSDYQSEVDIYNRI C
#
# COMPACT_ATOMS: atom_id res chain seq x y z
N ALA A 1 -24.33 -11.60 15.21
CA ALA A 1 -24.24 -10.59 14.18
C ALA A 1 -24.45 -11.32 12.83
N PRO A 2 -24.74 -10.64 11.70
CA PRO A 2 -24.75 -11.23 10.37
C PRO A 2 -23.42 -11.86 10.03
N GLN A 3 -23.50 -12.80 9.15
CA GLN A 3 -22.32 -13.53 8.78
C GLN A 3 -21.95 -13.21 7.33
N THR A 4 -22.84 -12.58 6.52
CA THR A 4 -22.56 -12.28 5.12
C THR A 4 -23.18 -10.90 4.80
N ILE A 5 -22.79 -10.23 3.73
CA ILE A 5 -23.39 -8.97 3.34
C ILE A 5 -24.87 -9.13 2.97
N THR A 6 -25.35 -10.21 2.35
CA THR A 6 -26.76 -10.41 2.07
C THR A 6 -27.60 -10.42 3.32
N GLU A 7 -27.11 -11.16 4.31
CA GLU A 7 -27.77 -11.26 5.59
C GLU A 7 -27.90 -9.94 6.33
N LEU A 8 -26.87 -9.13 6.29
CA LEU A 8 -26.88 -7.83 6.91
C LEU A 8 -27.77 -6.90 6.11
N CYS A 9 -27.71 -6.93 4.77
CA CYS A 9 -28.51 -6.05 3.96
C CYS A 9 -30.00 -6.22 4.28
N SER A 10 -30.43 -7.46 4.44
CA SER A 10 -31.80 -7.82 4.74
C SER A 10 -32.37 -7.26 6.02
N GLU A 11 -31.55 -6.74 6.91
CA GLU A 11 -32.07 -6.21 8.15
C GLU A 11 -32.61 -4.82 7.96
N TYR A 12 -32.34 -4.15 6.86
CA TYR A 12 -32.75 -2.77 6.72
C TYR A 12 -33.83 -2.70 5.68
N ARG A 13 -34.61 -1.61 5.72
CA ARG A 13 -35.66 -1.37 4.72
C ARG A 13 -35.06 -0.44 3.69
N ASN A 14 -35.55 -0.62 2.46
CA ASN A 14 -35.16 0.15 1.27
C ASN A 14 -33.78 -0.18 0.76
N THR A 15 -33.33 -1.45 0.95
CA THR A 15 -31.98 -1.87 0.59
C THR A 15 -32.07 -2.94 -0.47
N GLN A 16 -30.99 -3.19 -1.18
CA GLN A 16 -30.95 -4.20 -2.20
C GLN A 16 -29.47 -4.53 -2.41
N ILE A 17 -29.18 -5.76 -2.84
CA ILE A 17 -27.84 -6.22 -3.14
C ILE A 17 -27.63 -6.09 -4.64
N TYR A 18 -26.46 -5.59 -5.02
CA TYR A 18 -25.98 -5.55 -6.39
C TYR A 18 -24.77 -6.47 -6.46
N THR A 19 -24.72 -7.48 -7.32
CA THR A 19 -23.56 -8.28 -7.49
C THR A 19 -22.78 -7.54 -8.56
N ILE A 20 -21.72 -6.81 -8.23
CA ILE A 20 -20.96 -6.04 -9.21
C ILE A 20 -19.94 -6.89 -9.97
N ASN A 21 -19.15 -7.56 -9.15
CA ASN A 21 -18.01 -8.35 -9.52
C ASN A 21 -17.11 -7.59 -10.47
N ASP A 22 -16.68 -6.37 -10.15
CA ASP A 22 -15.85 -5.64 -11.07
C ASP A 22 -15.16 -4.57 -10.28
N LYS A 23 -14.07 -4.09 -10.83
CA LYS A 23 -13.42 -2.93 -10.20
C LYS A 23 -14.19 -1.63 -10.51
N ILE A 24 -13.83 -0.50 -9.91
CA ILE A 24 -14.49 0.79 -10.05
C ILE A 24 -13.93 1.44 -11.30
N LEU A 25 -14.78 2.05 -12.11
CA LEU A 25 -14.33 2.73 -13.31
C LEU A 25 -13.89 4.14 -12.94
N SER A 26 -14.59 4.85 -12.07
CA SER A 26 -14.14 6.17 -11.73
C SER A 26 -14.54 6.49 -10.31
N TYR A 27 -13.83 7.49 -9.80
CA TYR A 27 -13.95 7.93 -8.42
C TYR A 27 -14.04 9.45 -8.42
N THR A 28 -15.01 10.02 -7.75
CA THR A 28 -15.16 11.45 -7.68
C THR A 28 -15.21 11.71 -6.21
N GLU A 29 -14.50 12.74 -5.78
CA GLU A 29 -14.44 13.08 -4.38
C GLU A 29 -14.65 14.58 -4.33
N SER A 30 -15.53 15.04 -3.44
CA SER A 30 -15.88 16.44 -3.38
C SER A 30 -15.75 16.99 -2.00
N MET A 31 -15.21 18.21 -1.87
CA MET A 31 -15.21 18.89 -0.59
C MET A 31 -16.03 20.17 -0.72
N ALA A 32 -16.82 20.35 -1.79
CA ALA A 32 -17.67 21.51 -1.99
C ALA A 32 -18.69 21.51 -0.86
N GLY A 33 -18.94 22.67 -0.22
CA GLY A 33 -19.84 22.79 0.92
C GLY A 33 -21.23 22.19 0.67
N LYS A 34 -21.73 21.35 1.58
CA LYS A 34 -23.01 20.60 1.49
C LYS A 34 -22.97 19.43 0.52
N ARG A 35 -21.86 19.24 -0.19
CA ARG A 35 -21.65 18.14 -1.13
C ARG A 35 -20.35 17.38 -0.80
N GLU A 36 -20.06 17.13 0.48
CA GLU A 36 -18.86 16.40 0.87
C GLU A 36 -19.21 14.92 0.85
N MET A 37 -18.94 14.32 -0.29
CA MET A 37 -19.37 12.98 -0.61
C MET A 37 -18.38 12.39 -1.60
N VAL A 38 -18.59 11.13 -1.91
CA VAL A 38 -17.79 10.39 -2.85
C VAL A 38 -18.76 9.73 -3.82
N ILE A 39 -18.46 9.68 -5.12
CA ILE A 39 -19.34 9.05 -6.10
C ILE A 39 -18.50 8.01 -6.87
N ILE A 40 -18.97 6.78 -7.09
CA ILE A 40 -18.21 5.82 -7.88
C ILE A 40 -19.14 5.31 -9.01
N THR A 41 -18.55 4.98 -10.15
CA THR A 41 -19.28 4.37 -11.24
C THR A 41 -18.59 3.09 -11.69
N PHE A 42 -19.34 2.16 -12.28
CA PHE A 42 -18.83 0.93 -12.82
C PHE A 42 -18.99 0.94 -14.33
N LYS A 43 -18.27 0.12 -15.10
CA LYS A 43 -18.46 0.15 -16.55
C LYS A 43 -19.88 -0.34 -16.89
N SER A 44 -20.58 -1.05 -16.01
CA SER A 44 -21.94 -1.43 -16.25
C SER A 44 -22.85 -0.19 -16.34
N GLY A 45 -22.40 0.99 -15.96
CA GLY A 45 -23.24 2.16 -16.00
C GLY A 45 -23.74 2.60 -14.66
N GLU A 46 -23.74 1.68 -13.69
CA GLU A 46 -24.18 1.98 -12.34
C GLU A 46 -23.32 3.05 -11.64
N THR A 47 -23.93 3.92 -10.85
CA THR A 47 -23.29 4.97 -10.13
C THR A 47 -23.73 4.81 -8.71
N PHE A 48 -22.95 5.01 -7.66
CA PHE A 48 -23.43 4.95 -6.30
C PHE A 48 -22.70 6.03 -5.52
N GLN A 49 -23.20 6.45 -4.34
CA GLN A 49 -22.60 7.54 -3.65
C GLN A 49 -22.41 7.14 -2.21
N VAL A 50 -21.54 7.85 -1.50
CA VAL A 50 -21.52 7.77 -0.06
C VAL A 50 -22.11 9.14 0.26
N GLU A 51 -23.22 9.09 0.98
CA GLU A 51 -23.97 10.27 1.30
C GLU A 51 -23.24 11.26 2.16
N VAL A 52 -23.52 12.53 1.99
CA VAL A 52 -23.06 13.59 2.87
C VAL A 52 -23.58 13.23 4.28
N PRO A 53 -22.86 13.35 5.42
CA PRO A 53 -23.40 13.12 6.76
C PRO A 53 -24.57 14.07 7.02
N GLY A 54 -25.53 13.55 7.73
CA GLY A 54 -26.79 14.26 7.84
C GLY A 54 -27.61 13.59 8.92
N SER A 55 -28.78 14.13 9.19
CA SER A 55 -29.67 13.69 10.23
C SER A 55 -30.09 12.23 10.16
N GLN A 56 -30.10 11.59 8.98
CA GLN A 56 -30.46 10.18 8.87
C GLN A 56 -29.37 9.25 9.42
N HIS A 57 -28.27 9.83 9.96
CA HIS A 57 -27.10 9.12 10.43
C HIS A 57 -27.06 9.26 11.92
N ILE A 58 -26.92 8.12 12.57
CA ILE A 58 -26.76 8.18 14.01
C ILE A 58 -25.28 8.43 14.20
N ASP A 59 -24.89 8.81 15.40
CA ASP A 59 -23.49 9.07 15.67
C ASP A 59 -22.48 7.97 15.41
N SER A 60 -22.82 6.68 15.58
CA SER A 60 -21.82 5.66 15.29
C SER A 60 -21.55 5.48 13.82
N GLN A 61 -22.40 5.97 12.91
CA GLN A 61 -22.18 5.89 11.47
C GLN A 61 -21.24 6.94 10.97
N LYS A 62 -21.00 7.97 11.77
CA LYS A 62 -20.14 9.04 11.33
C LYS A 62 -18.70 8.52 11.19
N LYS A 63 -18.05 7.83 12.14
CA LYS A 63 -16.71 7.32 11.89
C LYS A 63 -16.79 6.28 10.77
N ALA A 64 -17.91 5.57 10.57
CA ALA A 64 -18.04 4.57 9.52
C ALA A 64 -18.18 5.18 8.12
N ILE A 65 -18.78 6.34 7.96
CA ILE A 65 -18.82 7.00 6.65
C ILE A 65 -17.41 7.35 6.19
N GLU A 66 -16.55 7.79 7.13
CA GLU A 66 -15.17 8.15 6.82
C GLU A 66 -14.39 6.90 6.49
N ARG A 67 -14.54 5.81 7.25
CA ARG A 67 -13.91 4.55 6.89
C ARG A 67 -14.32 4.10 5.49
N MET A 68 -15.59 4.16 5.13
CA MET A 68 -16.05 3.74 3.81
C MET A 68 -15.43 4.55 2.67
N LYS A 69 -15.23 5.87 2.86
CA LYS A 69 -14.60 6.68 1.81
C LYS A 69 -13.15 6.33 1.66
N ASP A 70 -12.52 5.89 2.75
CA ASP A 70 -11.14 5.48 2.68
C ASP A 70 -11.06 4.17 1.92
N THR A 71 -11.97 3.22 2.19
CA THR A 71 -12.03 1.97 1.48
C THR A 71 -12.26 2.13 0.02
N LEU A 72 -13.17 2.99 -0.41
CA LEU A 72 -13.43 3.08 -1.84
C LEU A 72 -12.27 3.76 -2.54
N ARG A 73 -11.60 4.74 -1.93
CA ARG A 73 -10.48 5.38 -2.60
C ARG A 73 -9.40 4.35 -2.80
N ILE A 74 -9.09 3.51 -1.79
CA ILE A 74 -7.97 2.57 -1.96
C ILE A 74 -8.39 1.39 -2.80
N THR A 75 -9.67 0.97 -2.83
CA THR A 75 -10.14 -0.10 -3.73
C THR A 75 -10.04 0.34 -5.20
N TYR A 76 -10.23 1.64 -5.43
CA TYR A 76 -10.19 2.22 -6.75
C TYR A 76 -8.75 2.25 -7.15
N LEU A 77 -7.89 2.85 -6.34
CA LEU A 77 -6.46 2.91 -6.73
C LEU A 77 -5.78 1.55 -6.94
N THR A 78 -6.16 0.53 -6.18
CA THR A 78 -5.54 -0.77 -6.39
C THR A 78 -6.24 -1.60 -7.45
N GLU A 79 -7.34 -1.10 -8.07
CA GLU A 79 -8.16 -1.84 -9.03
C GLU A 79 -8.71 -3.14 -8.48
N THR A 80 -9.11 -3.14 -7.21
CA THR A 80 -9.56 -4.35 -6.58
C THR A 80 -11.02 -4.54 -7.00
N LYS A 81 -11.37 -5.79 -7.30
CA LYS A 81 -12.70 -6.20 -7.66
C LYS A 81 -13.64 -6.19 -6.46
N ILE A 82 -14.79 -5.56 -6.63
CA ILE A 82 -15.83 -5.53 -5.64
C ILE A 82 -16.77 -6.69 -5.98
N ASP A 83 -17.20 -7.45 -4.99
CA ASP A 83 -18.11 -8.54 -5.17
C ASP A 83 -19.54 -8.01 -5.19
N LYS A 84 -20.00 -7.55 -4.05
CA LYS A 84 -21.34 -7.08 -3.83
C LYS A 84 -21.41 -5.74 -3.11
N LEU A 85 -22.56 -5.07 -3.21
CA LEU A 85 -22.78 -3.79 -2.58
C LEU A 85 -24.16 -3.88 -2.02
N CYS A 86 -24.34 -3.41 -0.82
CA CYS A 86 -25.67 -3.31 -0.26
C CYS A 86 -25.95 -1.80 -0.34
N VAL A 87 -27.07 -1.37 -0.93
CA VAL A 87 -27.36 0.02 -1.14
C VAL A 87 -28.78 0.37 -0.69
N TRP A 88 -28.99 1.57 -0.22
CA TRP A 88 -30.32 2.08 0.05
C TRP A 88 -30.77 2.61 -1.30
N ASN A 89 -31.87 2.08 -1.86
CA ASN A 89 -32.39 2.51 -3.16
C ASN A 89 -33.44 3.63 -3.08
N ASN A 90 -33.66 4.25 -1.94
CA ASN A 90 -34.56 5.38 -1.88
C ASN A 90 -33.71 6.64 -1.96
N LYS A 91 -32.64 6.61 -2.75
CA LYS A 91 -31.71 7.71 -2.85
C LYS A 91 -31.21 7.64 -4.25
N THR A 92 -30.97 8.77 -4.92
CA THR A 92 -30.34 8.77 -6.23
C THR A 92 -29.07 9.64 -6.17
N PRO A 93 -27.86 9.21 -6.56
CA PRO A 93 -27.48 7.83 -6.86
C PRO A 93 -27.76 6.94 -5.63
N ASN A 94 -27.88 5.63 -5.75
CA ASN A 94 -28.20 4.82 -4.58
C ASN A 94 -27.09 4.94 -3.55
N SER A 95 -27.28 4.87 -2.23
CA SER A 95 -26.10 5.02 -1.42
C SER A 95 -25.66 3.74 -0.76
N ILE A 96 -24.33 3.55 -0.71
CA ILE A 96 -23.66 2.36 -0.14
C ILE A 96 -23.89 2.27 1.37
N ALA A 97 -24.33 1.09 1.78
CA ALA A 97 -24.49 0.72 3.18
C ALA A 97 -23.38 -0.30 3.55
N ALA A 98 -22.88 -1.10 2.62
CA ALA A 98 -21.98 -2.17 2.93
C ALA A 98 -21.33 -2.54 1.61
N ILE A 99 -20.13 -3.10 1.67
CA ILE A 99 -19.38 -3.50 0.50
C ILE A 99 -18.78 -4.87 0.80
N SER A 100 -18.51 -5.77 -0.15
CA SER A 100 -17.78 -6.99 0.14
C SER A 100 -16.87 -7.24 -1.04
N MET A 101 -15.73 -7.88 -0.78
CA MET A 101 -14.79 -8.19 -1.85
C MET A 101 -14.34 -9.61 -1.52
N LYS A 102 -14.02 -10.40 -2.53
CA LYS A 102 -13.59 -11.77 -2.38
C LYS A 102 -12.36 -11.90 -3.26
N ASN A 103 -11.37 -12.60 -2.72
CA ASN A 103 -10.13 -12.85 -3.43
C ASN A 103 -10.08 -14.33 -3.86
N ALA B 1 4.58 -7.31 29.85
CA ALA B 1 3.43 -7.48 29.00
C ALA B 1 3.60 -8.87 28.39
N PRO B 2 2.62 -9.47 27.71
CA PRO B 2 2.77 -10.66 26.91
C PRO B 2 3.85 -10.48 25.87
N GLN B 3 4.35 -11.60 25.41
CA GLN B 3 5.39 -11.55 24.43
C GLN B 3 4.79 -12.18 23.18
N THR B 4 3.73 -12.98 23.27
CA THR B 4 3.15 -13.62 22.11
C THR B 4 1.63 -13.44 22.16
N ILE B 5 0.93 -13.61 21.03
CA ILE B 5 -0.51 -13.60 20.97
C ILE B 5 -1.04 -14.78 21.78
N THR B 6 -0.36 -15.95 21.85
CA THR B 6 -0.89 -17.04 22.68
C THR B 6 -0.93 -16.68 24.16
N GLU B 7 0.16 -16.09 24.60
CA GLU B 7 0.29 -15.62 25.95
C GLU B 7 -0.77 -14.57 26.30
N LEU B 8 -0.87 -13.55 25.47
CA LEU B 8 -1.87 -12.51 25.64
C LEU B 8 -3.29 -13.10 25.55
N CYS B 9 -3.59 -14.03 24.67
CA CYS B 9 -4.93 -14.58 24.55
C CYS B 9 -5.41 -15.26 25.84
N SER B 10 -4.51 -15.96 26.51
CA SER B 10 -4.90 -16.72 27.66
C SER B 10 -5.15 -15.86 28.88
N GLU B 11 -4.86 -14.57 28.86
CA GLU B 11 -5.18 -13.81 30.06
C GLU B 11 -6.59 -13.24 30.04
N TYR B 12 -7.50 -13.80 29.22
CA TYR B 12 -8.88 -13.36 29.12
C TYR B 12 -9.78 -14.57 29.15
N ARG B 13 -11.01 -14.42 29.62
CA ARG B 13 -11.94 -15.52 29.65
C ARG B 13 -12.61 -15.63 28.30
N ASN B 14 -12.92 -16.84 27.86
CA ASN B 14 -13.72 -17.09 26.66
C ASN B 14 -12.95 -16.82 25.37
N THR B 15 -11.63 -16.96 25.35
CA THR B 15 -10.92 -16.69 24.14
C THR B 15 -10.39 -17.99 23.58
N GLN B 16 -9.89 -18.02 22.36
CA GLN B 16 -9.10 -19.16 21.91
C GLN B 16 -8.28 -18.78 20.69
N ILE B 17 -7.21 -19.55 20.52
CA ILE B 17 -6.30 -19.39 19.40
C ILE B 17 -6.76 -20.23 18.25
N TYR B 18 -6.80 -19.62 17.09
CA TYR B 18 -7.09 -20.28 15.84
C TYR B 18 -5.81 -20.14 15.06
N THR B 19 -5.31 -21.23 14.50
CA THR B 19 -4.14 -21.12 13.66
C THR B 19 -4.66 -21.25 12.25
N ILE B 20 -4.63 -20.07 11.62
CA ILE B 20 -5.13 -19.86 10.29
C ILE B 20 -4.06 -20.13 9.22
N ASN B 21 -2.95 -19.40 9.30
CA ASN B 21 -1.88 -19.47 8.34
C ASN B 21 -2.38 -19.40 6.89
N ASP B 22 -3.13 -18.34 6.61
CA ASP B 22 -3.73 -18.16 5.29
C ASP B 22 -4.17 -16.73 5.09
N LYS B 23 -4.37 -16.31 3.83
CA LYS B 23 -4.85 -14.96 3.48
C LYS B 23 -6.34 -14.88 3.75
N ILE B 24 -6.89 -13.67 3.87
CA ILE B 24 -8.32 -13.46 4.03
C ILE B 24 -9.01 -13.78 2.68
N LEU B 25 -10.03 -14.62 2.69
CA LEU B 25 -10.72 -14.92 1.46
C LEU B 25 -11.67 -13.76 1.13
N SER B 26 -12.47 -13.29 2.08
CA SER B 26 -13.34 -12.20 1.75
C SER B 26 -13.42 -11.18 2.87
N TYR B 27 -13.67 -9.92 2.53
CA TYR B 27 -13.74 -8.82 3.45
C TYR B 27 -15.11 -8.16 3.24
N THR B 28 -15.92 -7.93 4.29
CA THR B 28 -17.21 -7.22 4.28
C THR B 28 -17.15 -6.08 5.28
N GLU B 29 -17.51 -4.88 4.87
CA GLU B 29 -17.40 -3.71 5.70
C GLU B 29 -18.77 -3.06 5.65
N SER B 30 -19.34 -2.68 6.78
CA SER B 30 -20.63 -2.04 6.77
C SER B 30 -20.67 -0.70 7.50
N MET B 31 -21.33 0.33 6.99
CA MET B 31 -21.54 1.59 7.70
C MET B 31 -23.02 1.67 8.02
N ALA B 32 -23.78 0.57 7.95
CA ALA B 32 -25.18 0.57 8.30
C ALA B 32 -25.32 0.78 9.81
N GLY B 33 -26.24 1.64 10.23
CA GLY B 33 -26.46 2.02 11.60
C GLY B 33 -26.70 0.84 12.49
N LYS B 34 -26.00 0.85 13.63
CA LYS B 34 -25.94 -0.21 14.63
C LYS B 34 -25.22 -1.48 14.12
N ARG B 35 -24.66 -1.50 12.90
CA ARG B 35 -23.96 -2.67 12.40
C ARG B 35 -22.74 -2.15 11.68
N GLU B 36 -22.06 -1.20 12.26
CA GLU B 36 -20.86 -0.61 11.67
C GLU B 36 -19.76 -1.60 12.07
N MET B 37 -19.38 -2.54 11.22
CA MET B 37 -18.49 -3.62 11.60
C MET B 37 -17.78 -4.12 10.36
N VAL B 38 -16.85 -5.08 10.54
CA VAL B 38 -16.19 -5.72 9.47
C VAL B 38 -16.32 -7.22 9.71
N ILE B 39 -16.46 -8.05 8.67
CA ILE B 39 -16.57 -9.48 8.78
C ILE B 39 -15.57 -10.04 7.79
N ILE B 40 -14.69 -11.00 8.16
CA ILE B 40 -13.73 -11.57 7.22
C ILE B 40 -13.99 -13.07 7.21
N THR B 41 -13.65 -13.84 6.17
CA THR B 41 -13.83 -15.30 6.16
C THR B 41 -12.59 -15.94 5.56
N PHE B 42 -12.35 -17.23 5.78
CA PHE B 42 -11.19 -17.91 5.24
C PHE B 42 -11.74 -19.05 4.43
N LYS B 43 -10.88 -19.58 3.57
CA LYS B 43 -11.13 -20.70 2.67
C LYS B 43 -11.57 -21.89 3.52
N SER B 44 -10.94 -22.08 4.67
CA SER B 44 -11.30 -23.14 5.60
C SER B 44 -12.75 -23.14 6.06
N GLY B 45 -13.43 -22.01 5.90
CA GLY B 45 -14.81 -21.93 6.27
C GLY B 45 -15.02 -21.09 7.51
N GLU B 46 -14.06 -20.59 8.27
CA GLU B 46 -14.46 -19.80 9.42
C GLU B 46 -14.70 -18.34 9.05
N THR B 47 -15.58 -17.75 9.87
CA THR B 47 -16.01 -16.37 9.74
C THR B 47 -15.73 -15.67 11.04
N PHE B 48 -15.19 -14.46 11.01
CA PHE B 48 -14.86 -13.74 12.22
C PHE B 48 -15.33 -12.32 12.04
N GLN B 49 -15.67 -11.60 13.11
CA GLN B 49 -16.06 -10.20 13.00
C GLN B 49 -15.18 -9.29 13.84
N VAL B 50 -15.13 -7.97 13.57
CA VAL B 50 -14.66 -6.99 14.52
C VAL B 50 -16.03 -6.43 14.89
N GLU B 51 -16.32 -6.50 16.18
CA GLU B 51 -17.62 -6.15 16.68
C GLU B 51 -17.92 -4.68 16.60
N VAL B 52 -19.22 -4.43 16.65
CA VAL B 52 -19.71 -3.05 16.70
C VAL B 52 -19.27 -2.51 18.08
N PRO B 53 -18.66 -1.33 18.20
CA PRO B 53 -18.36 -0.74 19.49
C PRO B 53 -19.59 -0.74 20.37
N GLY B 54 -19.41 -1.14 21.62
CA GLY B 54 -20.53 -1.35 22.52
C GLY B 54 -20.11 -1.10 23.98
N SER B 55 -20.95 -1.56 24.89
CA SER B 55 -20.80 -1.40 26.32
C SER B 55 -19.79 -2.34 26.94
N GLN B 56 -19.49 -3.44 26.26
CA GLN B 56 -18.48 -4.40 26.69
C GLN B 56 -17.07 -3.93 26.36
N HIS B 57 -16.91 -2.73 25.85
CA HIS B 57 -15.63 -2.27 25.37
C HIS B 57 -15.32 -1.12 26.30
N ILE B 58 -14.17 -1.12 26.99
CA ILE B 58 -13.81 0.02 27.83
C ILE B 58 -13.24 1.09 26.93
N ASP B 59 -13.06 2.33 27.34
CA ASP B 59 -12.72 3.35 26.36
C ASP B 59 -11.43 3.29 25.59
N SER B 60 -10.42 2.63 26.14
CA SER B 60 -9.13 2.48 25.49
C SER B 60 -9.24 1.56 24.28
N GLN B 61 -10.26 0.69 24.26
CA GLN B 61 -10.46 -0.19 23.12
C GLN B 61 -10.98 0.51 21.87
N LYS B 62 -11.66 1.66 21.99
CA LYS B 62 -12.31 2.35 20.86
C LYS B 62 -11.27 2.69 19.81
N LYS B 63 -10.10 3.24 20.19
CA LYS B 63 -9.05 3.46 19.21
C LYS B 63 -8.48 2.11 18.73
N ALA B 64 -8.47 1.01 19.49
CA ALA B 64 -7.92 -0.24 19.02
C ALA B 64 -8.86 -0.92 18.02
N ILE B 65 -10.18 -0.86 18.17
CA ILE B 65 -11.14 -1.40 17.20
C ILE B 65 -10.92 -0.75 15.82
N GLU B 66 -10.75 0.58 15.76
CA GLU B 66 -10.56 1.28 14.51
C GLU B 66 -9.31 0.85 13.81
N ARG B 67 -8.19 0.75 14.54
CA ARG B 67 -6.92 0.31 13.97
C ARG B 67 -7.05 -1.11 13.43
N MET B 68 -7.69 -2.03 14.10
CA MET B 68 -7.84 -3.40 13.65
C MET B 68 -8.54 -3.46 12.31
N LYS B 69 -9.64 -2.70 12.09
CA LYS B 69 -10.33 -2.66 10.81
C LYS B 69 -9.41 -2.14 9.73
N ASP B 70 -8.61 -1.13 10.03
CA ASP B 70 -7.57 -0.67 9.10
C ASP B 70 -6.56 -1.77 8.76
N THR B 71 -6.07 -2.56 9.71
CA THR B 71 -5.14 -3.63 9.47
C THR B 71 -5.76 -4.74 8.64
N LEU B 72 -6.95 -5.19 9.00
CA LEU B 72 -7.61 -6.22 8.19
C LEU B 72 -7.89 -5.73 6.79
N ARG B 73 -8.16 -4.45 6.54
CA ARG B 73 -8.36 -4.08 5.14
C ARG B 73 -7.07 -4.14 4.33
N ILE B 74 -5.90 -3.63 4.81
CA ILE B 74 -4.66 -3.68 4.00
C ILE B 74 -4.09 -5.11 3.90
N THR B 75 -4.30 -5.98 4.91
CA THR B 75 -3.93 -7.40 4.87
C THR B 75 -4.76 -8.06 3.78
N TYR B 76 -6.08 -7.78 3.69
CA TYR B 76 -6.92 -8.38 2.70
C TYR B 76 -6.42 -7.98 1.34
N LEU B 77 -6.19 -6.69 1.12
CA LEU B 77 -5.80 -6.21 -0.20
C LEU B 77 -4.45 -6.68 -0.66
N THR B 78 -3.44 -6.81 0.21
CA THR B 78 -2.14 -7.27 -0.24
C THR B 78 -2.05 -8.80 -0.18
N GLU B 79 -3.10 -9.49 0.29
CA GLU B 79 -3.16 -10.93 0.41
C GLU B 79 -2.10 -11.48 1.37
N THR B 80 -1.68 -10.69 2.36
CA THR B 80 -0.76 -11.15 3.39
C THR B 80 -1.40 -12.29 4.21
N LYS B 81 -0.70 -13.39 4.48
CA LYS B 81 -1.21 -14.47 5.32
C LYS B 81 -1.31 -14.09 6.80
N ILE B 82 -2.47 -14.38 7.41
CA ILE B 82 -2.62 -14.25 8.83
C ILE B 82 -2.14 -15.58 9.41
N ASP B 83 -1.46 -15.53 10.53
CA ASP B 83 -0.94 -16.72 11.14
C ASP B 83 -1.92 -17.17 12.19
N LYS B 84 -2.14 -16.42 13.25
CA LYS B 84 -3.03 -16.86 14.30
C LYS B 84 -3.91 -15.71 14.63
N LEU B 85 -5.10 -16.03 15.14
CA LEU B 85 -6.08 -15.05 15.61
C LEU B 85 -6.46 -15.42 17.04
N CYS B 86 -6.54 -14.50 17.97
CA CYS B 86 -7.06 -14.75 19.31
C CYS B 86 -8.49 -14.25 19.17
N VAL B 87 -9.53 -15.06 19.42
CA VAL B 87 -10.92 -14.66 19.25
C VAL B 87 -11.77 -14.95 20.50
N TRP B 88 -12.81 -14.13 20.80
CA TRP B 88 -13.79 -14.40 21.86
C TRP B 88 -14.77 -15.33 21.20
N ASN B 89 -14.93 -16.50 21.78
CA ASN B 89 -15.76 -17.51 21.17
C ASN B 89 -17.14 -17.58 21.79
N ASN B 90 -17.45 -16.56 22.58
CA ASN B 90 -18.80 -16.38 23.14
C ASN B 90 -19.63 -15.43 22.25
N LYS B 91 -19.24 -15.19 20.98
CA LYS B 91 -19.88 -14.31 20.03
C LYS B 91 -20.07 -15.08 18.73
N THR B 92 -21.16 -14.86 17.97
CA THR B 92 -21.32 -15.42 16.62
C THR B 92 -21.49 -14.28 15.62
N PRO B 93 -20.69 -14.19 14.55
CA PRO B 93 -19.44 -14.92 14.37
C PRO B 93 -18.44 -14.57 15.49
N ASN B 94 -17.42 -15.39 15.72
CA ASN B 94 -16.46 -15.07 16.79
C ASN B 94 -15.78 -13.72 16.56
N SER B 95 -15.45 -12.96 17.60
CA SER B 95 -14.84 -11.64 17.49
C SER B 95 -13.34 -11.68 17.69
N ILE B 96 -12.66 -10.90 16.87
CA ILE B 96 -11.24 -10.79 16.90
C ILE B 96 -10.79 -10.01 18.10
N ALA B 97 -9.95 -10.61 18.94
CA ALA B 97 -9.32 -9.88 20.01
C ALA B 97 -7.95 -9.42 19.57
N ALA B 98 -7.19 -10.22 18.82
CA ALA B 98 -5.84 -9.88 18.43
C ALA B 98 -5.48 -10.70 17.20
N ILE B 99 -4.49 -10.27 16.42
CA ILE B 99 -4.13 -10.93 15.19
C ILE B 99 -2.61 -11.09 15.11
N SER B 100 -2.01 -12.09 14.48
CA SER B 100 -0.57 -12.05 14.25
C SER B 100 -0.30 -12.50 12.83
N MET B 101 0.84 -12.01 12.32
CA MET B 101 1.30 -12.21 10.98
C MET B 101 2.80 -12.50 11.07
N LYS B 102 3.34 -13.29 10.18
CA LYS B 102 4.72 -13.70 10.22
C LYS B 102 5.16 -13.67 8.77
N ASN B 103 6.38 -13.16 8.58
CA ASN B 103 7.17 -13.08 7.35
C ASN B 103 6.72 -12.00 6.38
N ALA C 1 17.91 20.49 18.82
CA ALA C 1 17.19 19.32 19.29
C ALA C 1 18.12 18.12 18.96
N PRO C 2 17.97 16.83 19.33
CA PRO C 2 18.90 15.74 19.01
C PRO C 2 19.09 15.63 17.52
N GLN C 3 20.21 15.21 17.00
CA GLN C 3 20.36 15.08 15.56
C GLN C 3 20.39 13.65 15.08
N THR C 4 20.34 12.73 16.05
CA THR C 4 20.58 11.34 15.76
C THR C 4 19.73 10.51 16.70
N ILE C 5 19.39 9.27 16.33
CA ILE C 5 18.65 8.39 17.21
C ILE C 5 19.49 8.17 18.47
N THR C 6 20.80 8.08 18.35
CA THR C 6 21.62 7.89 19.52
C THR C 6 21.69 9.10 20.44
N GLU C 7 21.66 10.38 20.01
CA GLU C 7 21.68 11.49 20.94
C GLU C 7 20.41 11.54 21.73
N LEU C 8 19.34 11.34 20.98
CA LEU C 8 18.01 11.38 21.54
C LEU C 8 17.90 10.33 22.61
N CYS C 9 18.29 9.09 22.31
CA CYS C 9 18.18 7.98 23.24
C CYS C 9 18.91 8.23 24.55
N SER C 10 20.07 8.84 24.40
CA SER C 10 20.92 9.12 25.54
C SER C 10 20.38 10.23 26.42
N GLU C 11 19.38 11.01 26.00
CA GLU C 11 18.79 11.99 26.89
C GLU C 11 17.85 11.34 27.87
N TYR C 12 17.68 10.01 27.86
CA TYR C 12 16.68 9.40 28.73
C TYR C 12 17.29 8.32 29.63
N ARG C 13 16.66 8.08 30.75
CA ARG C 13 17.01 7.03 31.68
C ARG C 13 16.40 5.74 31.17
N ASN C 14 17.08 4.65 31.51
CA ASN C 14 16.67 3.29 31.21
C ASN C 14 16.51 2.95 29.74
N THR C 15 17.22 3.61 28.85
CA THR C 15 17.09 3.31 27.45
C THR C 15 18.29 2.52 26.98
N GLN C 16 18.29 1.97 25.75
CA GLN C 16 19.42 1.25 25.20
C GLN C 16 19.21 1.23 23.70
N ILE C 17 20.25 1.42 22.88
CA ILE C 17 20.17 1.36 21.43
C ILE C 17 20.27 -0.09 20.99
N TYR C 18 19.48 -0.61 20.06
CA TYR C 18 19.73 -1.93 19.47
C TYR C 18 20.04 -1.65 18.00
N THR C 19 21.07 -2.19 17.43
CA THR C 19 21.29 -2.06 16.00
C THR C 19 20.61 -3.27 15.42
N ILE C 20 19.52 -3.11 14.69
CA ILE C 20 18.84 -4.28 14.17
C ILE C 20 19.32 -4.68 12.77
N ASN C 21 19.31 -3.71 11.86
CA ASN C 21 19.65 -3.92 10.47
C ASN C 21 18.94 -5.12 9.81
N ASP C 22 17.60 -5.17 9.92
CA ASP C 22 16.79 -6.30 9.38
C ASP C 22 15.30 -5.97 9.38
N LYS C 23 14.46 -6.74 8.67
CA LYS C 23 13.03 -6.49 8.62
C LYS C 23 12.32 -7.17 9.76
N ILE C 24 11.09 -6.77 10.03
CA ILE C 24 10.28 -7.32 11.10
C ILE C 24 9.90 -8.72 10.67
N LEU C 25 10.16 -9.70 11.51
CA LEU C 25 9.75 -11.05 11.24
C LEU C 25 8.28 -11.25 11.58
N SER C 26 7.72 -10.80 12.72
CA SER C 26 6.31 -10.98 12.96
C SER C 26 5.75 -9.74 13.63
N TYR C 27 4.43 -9.55 13.45
CA TYR C 27 3.71 -8.36 13.91
C TYR C 27 2.46 -8.91 14.58
N THR C 28 2.16 -8.49 15.79
CA THR C 28 1.02 -8.91 16.57
C THR C 28 0.31 -7.65 16.97
N GLU C 29 -1.02 -7.60 16.82
CA GLU C 29 -1.71 -6.40 17.22
C GLU C 29 -2.84 -6.87 18.08
N SER C 30 -3.09 -6.17 19.18
CA SER C 30 -4.18 -6.50 20.06
C SER C 30 -5.11 -5.33 20.30
N MET C 31 -6.39 -5.68 20.28
CA MET C 31 -7.40 -4.72 20.71
C MET C 31 -8.04 -5.24 22.00
N ALA C 32 -7.52 -6.29 22.67
CA ALA C 32 -8.10 -6.73 23.93
C ALA C 32 -7.92 -5.67 25.03
N GLY C 33 -8.90 -5.58 25.92
CA GLY C 33 -9.01 -4.55 26.96
C GLY C 33 -7.87 -4.57 27.91
N LYS C 34 -7.31 -3.38 28.02
CA LYS C 34 -6.09 -3.11 28.76
C LYS C 34 -4.84 -3.67 28.11
N ARG C 35 -4.91 -4.22 26.89
CA ARG C 35 -3.76 -4.76 26.18
C ARG C 35 -3.73 -4.26 24.74
N GLU C 36 -3.99 -2.97 24.53
CA GLU C 36 -4.08 -2.41 23.20
C GLU C 36 -2.69 -2.00 22.83
N MET C 37 -2.04 -2.96 22.20
CA MET C 37 -0.63 -2.84 21.90
C MET C 37 -0.21 -3.57 20.62
N VAL C 38 0.98 -3.26 20.17
CA VAL C 38 1.62 -3.95 19.06
C VAL C 38 2.90 -4.61 19.65
N ILE C 39 3.20 -5.84 19.26
CA ILE C 39 4.38 -6.59 19.65
C ILE C 39 5.07 -6.96 18.34
N ILE C 40 6.36 -6.65 18.12
CA ILE C 40 7.06 -7.07 16.92
C ILE C 40 8.21 -8.02 17.30
N THR C 41 8.65 -8.98 16.46
CA THR C 41 9.85 -9.73 16.74
C THR C 41 10.80 -9.78 15.53
N PHE C 42 12.12 -10.05 15.71
CA PHE C 42 13.08 -10.12 14.61
C PHE C 42 13.65 -11.51 14.59
N LYS C 43 14.35 -11.91 13.52
CA LYS C 43 14.80 -13.30 13.31
C LYS C 43 15.78 -13.64 14.40
N SER C 44 16.51 -12.65 14.90
CA SER C 44 17.45 -12.84 15.97
C SER C 44 16.87 -13.15 17.34
N GLY C 45 15.56 -13.22 17.50
CA GLY C 45 15.03 -13.57 18.78
C GLY C 45 14.54 -12.35 19.51
N GLU C 46 14.86 -11.09 19.23
CA GLU C 46 14.31 -10.02 20.03
C GLU C 46 12.88 -9.69 19.68
N THR C 47 12.18 -9.30 20.75
CA THR C 47 10.79 -8.96 20.82
C THR C 47 10.72 -7.59 21.45
N PHE C 48 10.00 -6.65 20.84
CA PHE C 48 9.85 -5.32 21.39
C PHE C 48 8.37 -4.98 21.43
N GLN C 49 7.91 -3.99 22.18
CA GLN C 49 6.51 -3.68 22.23
C GLN C 49 6.36 -2.17 22.07
N VAL C 50 5.20 -1.70 21.57
CA VAL C 50 4.81 -0.30 21.65
C VAL C 50 3.84 -0.50 22.84
N GLU C 51 3.99 0.18 23.96
CA GLU C 51 3.18 -0.20 25.10
C GLU C 51 1.85 0.49 25.25
N VAL C 52 0.94 -0.06 26.06
CA VAL C 52 -0.36 0.56 26.26
C VAL C 52 -0.28 2.01 26.80
N PRO C 53 -1.03 3.07 26.31
CA PRO C 53 -1.00 4.41 26.90
C PRO C 53 -1.42 4.25 28.35
N GLY C 54 -0.43 4.45 29.20
CA GLY C 54 -0.72 4.58 30.61
C GLY C 54 -0.24 5.93 31.11
N SER C 55 -0.23 5.93 32.44
CA SER C 55 0.13 7.04 33.29
C SER C 55 1.59 7.42 33.17
N GLN C 56 2.49 6.52 32.78
CA GLN C 56 3.87 6.87 32.47
C GLN C 56 4.00 7.73 31.17
N HIS C 57 2.89 8.21 30.55
CA HIS C 57 2.90 8.90 29.29
C HIS C 57 2.29 10.29 29.40
N ILE C 58 2.97 11.30 28.86
CA ILE C 58 2.41 12.63 28.86
C ILE C 58 1.52 12.73 27.66
N ASP C 59 0.63 13.69 27.67
CA ASP C 59 -0.31 13.89 26.58
C ASP C 59 0.23 13.92 25.16
N SER C 60 1.36 14.61 24.93
CA SER C 60 1.95 14.70 23.60
C SER C 60 2.36 13.33 23.09
N GLN C 61 2.54 12.35 23.97
CA GLN C 61 2.93 11.03 23.58
C GLN C 61 1.80 10.17 23.08
N LYS C 62 0.56 10.51 23.38
CA LYS C 62 -0.60 9.75 22.97
C LYS C 62 -0.72 9.65 21.47
N LYS C 63 -0.48 10.75 20.80
CA LYS C 63 -0.50 10.76 19.36
C LYS C 63 0.74 10.06 18.82
N ALA C 64 1.93 10.35 19.33
CA ALA C 64 3.17 9.72 18.93
C ALA C 64 3.06 8.22 19.13
N ILE C 65 2.37 7.65 20.11
CA ILE C 65 2.18 6.20 20.19
C ILE C 65 1.43 5.63 18.99
N GLU C 66 0.45 6.40 18.51
CA GLU C 66 -0.37 5.95 17.38
C GLU C 66 0.44 5.97 16.10
N ARG C 67 1.20 7.05 15.96
CA ARG C 67 2.06 7.18 14.83
C ARG C 67 3.02 6.01 14.83
N MET C 68 3.69 5.65 15.94
CA MET C 68 4.60 4.51 15.97
C MET C 68 3.90 3.18 15.61
N LYS C 69 2.72 2.87 16.14
CA LYS C 69 2.00 1.67 15.74
C LYS C 69 1.70 1.75 14.19
N ASP C 70 1.47 2.93 13.57
CA ASP C 70 1.30 3.00 12.13
C ASP C 70 2.57 2.66 11.38
N THR C 71 3.68 3.27 11.80
CA THR C 71 4.98 3.01 11.23
C THR C 71 5.29 1.54 11.35
N LEU C 72 5.08 0.90 12.49
CA LEU C 72 5.42 -0.51 12.58
C LEU C 72 4.54 -1.37 11.68
N ARG C 73 3.23 -1.07 11.47
CA ARG C 73 2.46 -1.88 10.54
C ARG C 73 2.96 -1.68 9.11
N ILE C 74 3.18 -0.45 8.66
CA ILE C 74 3.66 -0.31 7.30
C ILE C 74 5.09 -0.75 7.09
N THR C 75 6.06 -0.67 8.06
CA THR C 75 7.38 -1.20 7.73
C THR C 75 7.31 -2.71 7.81
N TYR C 76 6.48 -3.41 8.58
CA TYR C 76 6.34 -4.85 8.43
C TYR C 76 5.80 -5.21 7.05
N LEU C 77 4.70 -4.57 6.55
CA LEU C 77 4.14 -4.98 5.26
C LEU C 77 5.08 -4.75 4.12
N THR C 78 5.78 -3.63 4.08
CA THR C 78 6.68 -3.41 2.97
C THR C 78 8.04 -4.09 3.16
N GLU C 79 8.32 -4.79 4.25
CA GLU C 79 9.62 -5.44 4.51
C GLU C 79 10.85 -4.54 4.44
N THR C 80 10.66 -3.32 4.96
CA THR C 80 11.71 -2.34 5.05
C THR C 80 12.61 -2.70 6.23
N LYS C 81 13.93 -2.67 6.08
CA LYS C 81 14.88 -2.95 7.18
C LYS C 81 14.88 -1.82 8.20
N ILE C 82 14.82 -2.14 9.46
CA ILE C 82 14.94 -1.16 10.51
C ILE C 82 16.46 -1.10 10.78
N ASP C 83 17.00 0.10 11.00
CA ASP C 83 18.39 0.23 11.32
C ASP C 83 18.56 0.08 12.81
N LYS C 84 18.12 1.06 13.59
CA LYS C 84 18.24 1.03 15.03
C LYS C 84 16.93 1.31 15.80
N LEU C 85 16.88 0.83 17.03
CA LEU C 85 15.78 1.07 17.91
C LEU C 85 16.35 1.72 19.16
N CYS C 86 15.67 2.66 19.79
CA CYS C 86 16.03 3.13 21.12
C CYS C 86 14.86 2.59 21.94
N VAL C 87 15.13 1.78 22.94
CA VAL C 87 14.07 1.11 23.70
C VAL C 87 14.19 1.38 25.20
N TRP C 88 13.18 1.36 26.06
CA TRP C 88 13.30 1.43 27.49
C TRP C 88 13.50 -0.02 27.88
N ASN C 89 14.66 -0.37 28.42
CA ASN C 89 14.94 -1.75 28.75
C ASN C 89 14.50 -2.13 30.18
N ASN C 90 13.87 -1.23 30.89
CA ASN C 90 13.26 -1.54 32.15
C ASN C 90 11.86 -2.08 31.85
N LYS C 91 11.54 -2.65 30.67
CA LYS C 91 10.23 -3.22 30.50
C LYS C 91 10.34 -4.57 29.89
N THR C 92 9.38 -5.46 30.02
CA THR C 92 9.43 -6.74 29.33
C THR C 92 8.14 -6.97 28.49
N PRO C 93 8.15 -7.10 27.16
CA PRO C 93 9.33 -6.87 26.34
C PRO C 93 9.76 -5.41 26.32
N ASN C 94 11.00 -5.17 25.93
CA ASN C 94 11.50 -3.81 25.90
C ASN C 94 10.63 -2.91 25.07
N SER C 95 10.51 -1.68 25.50
CA SER C 95 9.55 -0.76 24.98
C SER C 95 10.12 0.24 24.00
N ILE C 96 9.60 0.40 22.78
CA ILE C 96 10.13 1.30 21.77
C ILE C 96 9.84 2.77 22.05
N ALA C 97 10.96 3.52 21.99
CA ALA C 97 11.05 4.97 22.17
C ALA C 97 11.32 5.72 20.84
N ALA C 98 12.14 5.18 19.93
CA ALA C 98 12.45 5.86 18.70
C ALA C 98 12.87 4.78 17.73
N ILE C 99 12.71 5.04 16.43
CA ILE C 99 13.11 4.08 15.44
C ILE C 99 13.81 4.85 14.30
N SER C 100 14.78 4.20 13.69
CA SER C 100 15.57 4.73 12.60
C SER C 100 15.56 3.70 11.49
N MET C 101 15.56 4.19 10.26
CA MET C 101 15.78 3.37 9.11
C MET C 101 16.48 4.18 8.06
N LYS C 102 17.34 3.47 7.34
CA LYS C 102 18.10 4.14 6.31
C LYS C 102 18.28 3.25 5.13
N ASN C 103 18.58 3.79 3.98
CA ASN C 103 18.88 2.86 2.92
C ASN C 103 20.16 3.41 2.33
N ALA D 1 -2.91 31.62 -2.21
CA ALA D 1 -2.28 32.63 -3.01
C ALA D 1 -0.79 32.53 -3.35
N PRO D 2 0.21 32.10 -2.54
CA PRO D 2 1.53 31.73 -3.04
C PRO D 2 1.32 30.62 -4.05
N GLN D 3 2.04 30.71 -5.16
CA GLN D 3 1.93 29.71 -6.20
C GLN D 3 3.08 28.74 -6.19
N THR D 4 4.18 29.08 -5.52
CA THR D 4 5.29 28.17 -5.46
C THR D 4 5.86 28.22 -4.05
N ILE D 5 6.75 27.28 -3.74
CA ILE D 5 7.35 27.18 -2.42
C ILE D 5 8.28 28.37 -2.15
N THR D 6 8.97 28.90 -3.14
CA THR D 6 9.85 30.03 -2.92
C THR D 6 9.07 31.30 -2.54
N GLU D 7 7.92 31.55 -3.16
CA GLU D 7 7.09 32.67 -2.74
C GLU D 7 6.59 32.43 -1.34
N LEU D 8 6.13 31.22 -1.08
CA LEU D 8 5.61 30.91 0.22
C LEU D 8 6.70 31.14 1.26
N CYS D 9 7.92 30.71 1.00
CA CYS D 9 8.99 30.75 1.99
C CYS D 9 9.40 32.17 2.37
N SER D 10 9.49 33.03 1.36
CA SER D 10 9.80 34.43 1.54
C SER D 10 8.86 35.26 2.37
N GLU D 11 7.73 34.75 2.82
CA GLU D 11 6.81 35.49 3.65
C GLU D 11 7.18 35.34 5.10
N TYR D 12 8.21 34.60 5.46
CA TYR D 12 8.51 34.38 6.86
C TYR D 12 9.94 34.81 7.12
N ARG D 13 10.25 35.20 8.36
CA ARG D 13 11.60 35.60 8.70
C ARG D 13 12.32 34.32 9.02
N ASN D 14 13.60 34.31 8.68
CA ASN D 14 14.50 33.25 9.12
C ASN D 14 14.21 31.92 8.47
N THR D 15 13.82 31.99 7.21
CA THR D 15 13.59 30.80 6.43
C THR D 15 14.70 30.76 5.38
N GLN D 16 14.84 29.66 4.65
CA GLN D 16 15.81 29.53 3.59
C GLN D 16 15.28 28.37 2.76
N ILE D 17 15.40 28.46 1.45
CA ILE D 17 15.08 27.41 0.50
C ILE D 17 16.35 26.56 0.26
N TYR D 18 16.25 25.24 0.35
CA TYR D 18 17.34 24.35 0.04
C TYR D 18 16.84 23.58 -1.13
N THR D 19 17.62 23.51 -2.19
CA THR D 19 17.37 22.65 -3.34
C THR D 19 17.97 21.28 -3.08
N ILE D 20 17.15 20.32 -2.68
CA ILE D 20 17.68 19.03 -2.33
C ILE D 20 17.83 18.15 -3.57
N ASN D 21 16.71 17.88 -4.23
CA ASN D 21 16.65 17.02 -5.38
C ASN D 21 17.31 15.66 -5.18
N ASP D 22 16.88 14.99 -4.14
CA ASP D 22 17.42 13.68 -3.88
C ASP D 22 16.37 13.05 -3.01
N LYS D 23 16.39 11.75 -2.90
CA LYS D 23 15.52 11.10 -1.97
C LYS D 23 16.15 11.20 -0.60
N ILE D 24 15.37 10.85 0.42
CA ILE D 24 15.76 10.87 1.82
C ILE D 24 16.68 9.71 2.14
N LEU D 25 17.81 9.93 2.82
CA LEU D 25 18.69 8.84 3.13
C LEU D 25 18.24 8.17 4.41
N SER D 26 17.87 8.86 5.47
CA SER D 26 17.38 8.16 6.64
C SER D 26 16.22 8.91 7.29
N TYR D 27 15.40 8.15 8.00
CA TYR D 27 14.20 8.63 8.63
C TYR D 27 14.29 8.15 10.08
N THR D 28 14.08 9.05 11.05
CA THR D 28 14.06 8.72 12.47
C THR D 28 12.77 9.29 13.04
N GLU D 29 12.08 8.54 13.86
CA GLU D 29 10.84 8.96 14.45
C GLU D 29 10.93 8.67 15.94
N SER D 30 10.62 9.65 16.78
CA SER D 30 10.62 9.46 18.21
C SER D 30 9.25 9.65 18.88
N MET D 31 8.90 8.78 19.83
CA MET D 31 7.73 9.00 20.68
C MET D 31 8.18 9.22 22.12
N ALA D 32 9.44 9.52 22.38
CA ALA D 32 9.86 9.74 23.75
C ALA D 32 9.30 11.12 24.18
N GLY D 33 8.85 11.25 25.44
CA GLY D 33 8.23 12.44 26.02
C GLY D 33 9.00 13.72 25.81
N LYS D 34 8.37 14.74 25.28
CA LYS D 34 8.99 16.01 24.90
C LYS D 34 9.97 15.93 23.77
N ARG D 35 10.02 14.79 23.08
CA ARG D 35 10.89 14.52 21.95
C ARG D 35 10.13 13.79 20.83
N GLU D 36 8.87 14.16 20.61
CA GLU D 36 7.97 13.55 19.64
C GLU D 36 8.23 14.24 18.33
N MET D 37 9.08 13.70 17.49
CA MET D 37 9.54 14.44 16.34
C MET D 37 10.01 13.47 15.27
N VAL D 38 10.45 13.99 14.13
CA VAL D 38 10.90 13.21 13.00
C VAL D 38 12.16 13.92 12.58
N ILE D 39 13.23 13.20 12.29
CA ILE D 39 14.53 13.77 11.87
C ILE D 39 14.79 13.09 10.51
N ILE D 40 15.24 13.75 9.45
CA ILE D 40 15.53 13.10 8.18
C ILE D 40 16.92 13.55 7.73
N THR D 41 17.70 12.76 6.99
CA THR D 41 18.98 13.23 6.48
C THR D 41 19.08 12.93 5.01
N PHE D 42 20.01 13.61 4.33
CA PHE D 42 20.31 13.35 2.94
C PHE D 42 21.77 12.99 2.83
N LYS D 43 22.09 12.32 1.73
CA LYS D 43 23.44 11.92 1.36
C LYS D 43 24.45 13.08 1.36
N SER D 44 24.07 14.30 1.02
CA SER D 44 24.95 15.44 1.10
C SER D 44 25.37 15.86 2.51
N GLY D 45 24.82 15.30 3.59
CA GLY D 45 25.14 15.67 4.97
C GLY D 45 24.06 16.51 5.65
N GLU D 46 22.94 16.81 5.00
CA GLU D 46 21.89 17.68 5.54
C GLU D 46 20.87 16.96 6.41
N THR D 47 20.56 17.61 7.53
CA THR D 47 19.71 17.04 8.54
C THR D 47 18.69 18.09 8.85
N PHE D 48 17.41 17.69 8.85
CA PHE D 48 16.30 18.60 9.14
C PHE D 48 15.39 17.86 10.09
N GLN D 49 14.59 18.66 10.77
CA GLN D 49 13.64 18.10 11.71
C GLN D 49 12.25 18.74 11.44
N VAL D 50 11.24 18.06 11.99
CA VAL D 50 9.88 18.53 12.11
C VAL D 50 9.87 18.53 13.64
N GLU D 51 9.59 19.72 14.16
CA GLU D 51 9.58 20.01 15.55
C GLU D 51 8.45 19.41 16.37
N VAL D 52 8.82 19.30 17.64
CA VAL D 52 7.92 18.92 18.70
C VAL D 52 6.91 20.10 18.71
N PRO D 53 5.59 19.87 18.72
CA PRO D 53 4.62 20.95 18.81
C PRO D 53 4.87 21.73 20.09
N GLY D 54 4.73 23.03 20.12
CA GLY D 54 5.01 23.81 21.30
C GLY D 54 4.40 25.17 21.06
N SER D 55 4.81 26.11 21.93
CA SER D 55 4.25 27.45 22.00
C SER D 55 4.25 28.23 20.72
N GLN D 56 5.27 28.03 19.89
CA GLN D 56 5.42 28.72 18.61
C GLN D 56 4.42 28.22 17.55
N HIS D 57 3.61 27.20 17.84
CA HIS D 57 2.77 26.65 16.81
C HIS D 57 1.36 27.07 17.14
N ILE D 58 0.68 27.70 16.20
CA ILE D 58 -0.71 28.03 16.42
C ILE D 58 -1.54 26.80 16.17
N ASP D 59 -2.83 26.94 16.46
CA ASP D 59 -3.75 25.81 16.38
C ASP D 59 -3.85 25.24 15.00
N SER D 60 -3.93 26.14 14.01
CA SER D 60 -3.98 25.66 12.65
C SER D 60 -2.76 24.81 12.28
N GLN D 61 -1.61 25.03 12.93
CA GLN D 61 -0.44 24.24 12.62
C GLN D 61 -0.41 22.85 13.21
N LYS D 62 -1.19 22.53 14.25
CA LYS D 62 -1.13 21.21 14.88
C LYS D 62 -1.36 20.05 13.91
N LYS D 63 -2.45 20.11 13.18
CA LYS D 63 -2.77 19.13 12.16
C LYS D 63 -1.71 19.15 11.07
N ALA D 64 -1.25 20.32 10.64
CA ALA D 64 -0.32 20.40 9.53
C ALA D 64 1.02 19.79 9.91
N ILE D 65 1.45 19.84 11.18
CA ILE D 65 2.67 19.17 11.63
C ILE D 65 2.42 17.65 11.55
N GLU D 66 1.25 17.13 11.97
CA GLU D 66 1.02 15.71 11.81
C GLU D 66 1.05 15.29 10.35
N ARG D 67 0.56 16.11 9.42
CA ARG D 67 0.57 15.78 8.00
C ARG D 67 2.01 15.80 7.50
N MET D 68 2.88 16.72 7.90
CA MET D 68 4.24 16.75 7.37
C MET D 68 4.99 15.50 7.76
N LYS D 69 4.80 15.03 9.00
CA LYS D 69 5.48 13.83 9.46
C LYS D 69 4.94 12.64 8.65
N ASP D 70 3.65 12.59 8.31
CA ASP D 70 3.07 11.58 7.44
C ASP D 70 3.68 11.71 6.06
N THR D 71 3.84 12.87 5.45
CA THR D 71 4.47 12.94 4.12
C THR D 71 5.89 12.44 4.10
N LEU D 72 6.70 12.75 5.11
CA LEU D 72 8.10 12.33 5.17
C LEU D 72 8.21 10.83 5.35
N ARG D 73 7.34 10.17 6.10
CA ARG D 73 7.41 8.72 6.23
C ARG D 73 7.19 8.06 4.86
N ILE D 74 6.10 8.42 4.14
CA ILE D 74 5.80 7.81 2.85
C ILE D 74 6.75 8.24 1.74
N THR D 75 7.29 9.45 1.70
CA THR D 75 8.29 9.84 0.70
C THR D 75 9.51 8.97 0.89
N TYR D 76 9.94 8.69 2.15
CA TYR D 76 11.09 7.85 2.44
C TYR D 76 10.77 6.45 1.95
N LEU D 77 9.67 5.85 2.39
CA LEU D 77 9.35 4.51 1.96
C LEU D 77 9.26 4.35 0.45
N THR D 78 8.76 5.34 -0.29
CA THR D 78 8.60 5.17 -1.72
C THR D 78 9.82 5.71 -2.45
N GLU D 79 10.90 6.12 -1.76
CA GLU D 79 12.10 6.65 -2.39
C GLU D 79 11.82 7.80 -3.35
N THR D 80 10.82 8.63 -3.12
CA THR D 80 10.53 9.81 -3.95
C THR D 80 11.58 10.92 -3.68
N LYS D 81 12.03 11.55 -4.73
CA LYS D 81 12.96 12.66 -4.69
C LYS D 81 12.25 13.88 -4.15
N ILE D 82 12.90 14.61 -3.24
CA ILE D 82 12.35 15.86 -2.79
C ILE D 82 13.03 16.90 -3.63
N ASP D 83 12.30 17.88 -4.19
CA ASP D 83 12.87 18.98 -4.91
C ASP D 83 13.37 20.08 -3.97
N LYS D 84 12.58 20.80 -3.17
CA LYS D 84 13.05 21.88 -2.31
C LYS D 84 12.39 21.79 -0.98
N LEU D 85 13.05 22.36 0.01
CA LEU D 85 12.57 22.46 1.37
C LEU D 85 12.74 23.94 1.71
N CYS D 86 11.74 24.44 2.43
CA CYS D 86 11.76 25.78 2.98
C CYS D 86 11.89 25.48 4.48
N VAL D 87 12.94 26.02 5.12
CA VAL D 87 13.23 25.71 6.49
C VAL D 87 13.45 26.95 7.31
N TRP D 88 13.08 26.86 8.60
CA TRP D 88 13.46 27.87 9.56
C TRP D 88 14.91 27.53 9.94
N ASN D 89 15.82 28.45 9.66
CA ASN D 89 17.24 28.22 9.98
C ASN D 89 17.55 28.63 11.43
N ASN D 90 16.65 29.18 12.24
CA ASN D 90 16.96 29.47 13.63
C ASN D 90 16.73 28.28 14.55
N LYS D 91 16.82 27.04 14.08
CA LYS D 91 16.60 25.89 14.90
C LYS D 91 17.70 24.94 14.48
N THR D 92 18.21 24.08 15.37
CA THR D 92 19.23 23.11 14.99
C THR D 92 18.69 21.74 15.39
N PRO D 93 18.47 20.77 14.47
CA PRO D 93 18.63 20.99 13.03
C PRO D 93 17.60 21.96 12.47
N ASN D 94 17.82 22.52 11.30
CA ASN D 94 16.90 23.42 10.63
C ASN D 94 15.56 22.76 10.54
N SER D 95 14.52 23.57 10.69
CA SER D 95 13.16 23.06 10.85
C SER D 95 12.32 23.21 9.58
N ILE D 96 11.69 22.14 9.08
CA ILE D 96 10.86 22.18 7.87
C ILE D 96 9.58 22.99 8.06
N ALA D 97 9.45 23.98 7.18
CA ALA D 97 8.30 24.86 7.01
C ALA D 97 7.46 24.35 5.84
N ALA D 98 8.07 23.99 4.70
CA ALA D 98 7.32 23.49 3.57
C ALA D 98 8.17 22.53 2.71
N ILE D 99 7.58 21.65 1.88
CA ILE D 99 8.30 20.68 1.01
C ILE D 99 7.68 20.79 -0.37
N SER D 100 8.50 20.48 -1.34
CA SER D 100 8.26 20.55 -2.76
C SER D 100 8.79 19.24 -3.38
N MET D 101 8.09 18.58 -4.30
CA MET D 101 8.56 17.37 -4.98
C MET D 101 8.09 17.45 -6.43
N LYS D 102 8.88 17.06 -7.43
CA LYS D 102 8.33 17.02 -8.77
C LYS D 102 8.82 15.83 -9.58
N ASN D 103 7.78 15.42 -10.35
CA ASN D 103 7.68 14.40 -11.41
C ASN D 103 7.23 12.98 -11.08
N ALA E 1 -28.92 13.45 -5.59
CA ALA E 1 -27.65 14.14 -5.37
C ALA E 1 -26.93 14.24 -6.73
N PRO E 2 -25.88 15.05 -7.02
CA PRO E 2 -25.09 14.99 -8.25
C PRO E 2 -24.69 13.58 -8.63
N GLN E 3 -24.43 13.35 -9.90
CA GLN E 3 -23.97 12.03 -10.25
C GLN E 3 -22.65 12.06 -10.97
N THR E 4 -22.16 13.25 -11.29
CA THR E 4 -20.90 13.34 -11.97
C THR E 4 -20.26 14.56 -11.38
N ILE E 5 -18.96 14.77 -11.58
CA ILE E 5 -18.29 15.99 -11.12
C ILE E 5 -18.82 17.22 -11.83
N THR E 6 -19.21 17.17 -13.10
CA THR E 6 -19.74 18.33 -13.84
C THR E 6 -21.03 18.85 -13.24
N GLU E 7 -21.90 17.90 -12.96
CA GLU E 7 -23.18 18.17 -12.39
C GLU E 7 -23.03 18.79 -11.02
N LEU E 8 -22.01 18.38 -10.29
CA LEU E 8 -21.80 18.92 -8.96
C LEU E 8 -21.13 20.28 -9.11
N CYS E 9 -20.22 20.42 -10.08
CA CYS E 9 -19.49 21.65 -10.25
C CYS E 9 -20.46 22.75 -10.62
N SER E 10 -21.45 22.43 -11.44
CA SER E 10 -22.49 23.36 -11.86
C SER E 10 -23.38 23.87 -10.74
N GLU E 11 -23.36 23.25 -9.57
CA GLU E 11 -24.26 23.75 -8.56
C GLU E 11 -23.65 24.92 -7.83
N TYR E 12 -22.51 25.45 -8.24
CA TYR E 12 -21.87 26.45 -7.40
C TYR E 12 -21.58 27.61 -8.27
N ARG E 13 -21.67 28.74 -7.62
CA ARG E 13 -21.30 29.94 -8.32
C ARG E 13 -19.79 30.03 -8.24
N ASN E 14 -19.19 30.41 -9.35
CA ASN E 14 -17.77 30.70 -9.47
C ASN E 14 -16.89 29.49 -9.64
N THR E 15 -17.37 28.46 -10.34
CA THR E 15 -16.61 27.23 -10.50
C THR E 15 -16.38 26.99 -11.96
N GLN E 16 -15.54 26.06 -12.30
CA GLN E 16 -15.27 25.74 -13.69
C GLN E 16 -14.67 24.35 -13.66
N ILE E 17 -14.80 23.55 -14.72
CA ILE E 17 -14.17 22.24 -14.83
C ILE E 17 -12.89 22.38 -15.62
N TYR E 18 -11.78 21.82 -15.11
CA TYR E 18 -10.54 21.71 -15.87
C TYR E 18 -10.44 20.24 -16.24
N THR E 19 -10.29 19.90 -17.51
CA THR E 19 -10.06 18.52 -17.89
C THR E 19 -8.55 18.39 -17.91
N ILE E 20 -8.08 17.55 -17.00
CA ILE E 20 -6.65 17.43 -16.84
C ILE E 20 -6.12 16.29 -17.66
N ASN E 21 -6.66 15.13 -17.35
CA ASN E 21 -6.30 13.86 -17.93
C ASN E 21 -4.79 13.67 -17.99
N ASP E 22 -4.19 13.75 -16.80
CA ASP E 22 -2.74 13.75 -16.66
C ASP E 22 -2.41 13.57 -15.19
N LYS E 23 -1.15 13.22 -14.92
CA LYS E 23 -0.66 13.06 -13.56
C LYS E 23 -0.12 14.39 -13.10
N ILE E 24 0.01 14.57 -11.79
CA ILE E 24 0.50 15.80 -11.18
C ILE E 24 2.01 15.92 -11.40
N LEU E 25 2.49 17.09 -11.83
CA LEU E 25 3.90 17.30 -12.03
C LEU E 25 4.61 17.67 -10.73
N SER E 26 4.10 18.55 -9.87
CA SER E 26 4.78 18.84 -8.62
C SER E 26 3.76 18.98 -7.49
N TYR E 27 4.15 18.71 -6.27
CA TYR E 27 3.30 18.80 -5.09
C TYR E 27 4.01 19.69 -4.08
N THR E 28 3.36 20.66 -3.44
CA THR E 28 4.00 21.51 -2.45
C THR E 28 3.07 21.45 -1.24
N GLU E 29 3.58 21.21 -0.06
CA GLU E 29 2.74 21.11 1.12
C GLU E 29 3.36 22.07 2.14
N SER E 30 2.58 22.82 2.89
CA SER E 30 3.14 23.78 3.80
C SER E 30 2.53 23.68 5.20
N MET E 31 3.38 23.77 6.24
CA MET E 31 2.88 23.82 7.60
C MET E 31 3.26 25.13 8.27
N ALA E 32 3.71 26.09 7.47
CA ALA E 32 4.05 27.42 7.92
C ALA E 32 2.78 28.15 8.39
N GLY E 33 2.83 28.89 9.53
CA GLY E 33 1.71 29.58 10.16
C GLY E 33 0.90 30.46 9.20
N LYS E 34 -0.41 30.24 9.23
CA LYS E 34 -1.41 30.88 8.37
C LYS E 34 -1.34 30.43 6.93
N ARG E 35 -0.50 29.53 6.45
CA ARG E 35 -0.46 29.09 5.07
C ARG E 35 -0.29 27.59 5.00
N GLU E 36 -1.11 26.91 5.78
CA GLU E 36 -1.07 25.47 5.86
C GLU E 36 -1.95 25.01 4.71
N MET E 37 -1.36 24.83 3.53
CA MET E 37 -2.04 24.49 2.29
C MET E 37 -1.31 23.48 1.45
N VAL E 38 -1.92 22.99 0.36
CA VAL E 38 -1.20 22.16 -0.58
C VAL E 38 -1.35 22.88 -1.92
N ILE E 39 -0.36 22.82 -2.80
CA ILE E 39 -0.40 23.47 -4.11
C ILE E 39 0.03 22.38 -5.13
N ILE E 40 -0.68 22.11 -6.24
CA ILE E 40 -0.27 21.10 -7.22
C ILE E 40 -0.10 21.82 -8.57
N THR E 41 0.72 21.29 -9.45
CA THR E 41 1.00 21.86 -10.74
C THR E 41 1.02 20.73 -11.73
N PHE E 42 0.64 21.03 -12.97
CA PHE E 42 0.59 20.06 -14.05
C PHE E 42 1.58 20.50 -15.11
N LYS E 43 1.85 19.64 -16.07
CA LYS E 43 2.81 19.93 -17.12
C LYS E 43 2.29 21.08 -17.98
N SER E 44 0.96 21.24 -18.08
CA SER E 44 0.36 22.38 -18.76
C SER E 44 0.69 23.76 -18.17
N GLY E 45 1.29 23.83 -16.98
CA GLY E 45 1.55 25.06 -16.30
C GLY E 45 0.42 25.35 -15.35
N GLU E 46 -0.75 24.68 -15.35
CA GLU E 46 -1.83 25.07 -14.43
C GLU E 46 -1.54 24.66 -13.00
N THR E 47 -1.82 25.55 -12.07
CA THR E 47 -1.47 25.44 -10.68
C THR E 47 -2.76 25.44 -9.91
N PHE E 48 -3.01 24.58 -8.92
CA PHE E 48 -4.24 24.60 -8.17
C PHE E 48 -3.91 24.58 -6.68
N GLN E 49 -4.77 25.10 -5.76
CA GLN E 49 -4.49 24.99 -4.34
C GLN E 49 -5.65 24.33 -3.61
N VAL E 50 -5.39 23.75 -2.44
CA VAL E 50 -6.44 23.35 -1.52
C VAL E 50 -6.25 24.47 -0.52
N GLU E 51 -7.29 25.23 -0.22
CA GLU E 51 -7.12 26.45 0.54
C GLU E 51 -6.85 26.20 1.99
N VAL E 52 -6.30 27.23 2.64
CA VAL E 52 -6.10 27.16 4.10
C VAL E 52 -7.52 27.11 4.73
N PRO E 53 -7.89 26.31 5.74
CA PRO E 53 -9.18 26.40 6.42
C PRO E 53 -9.43 27.81 6.92
N GLY E 54 -10.69 28.21 6.85
CA GLY E 54 -11.07 29.55 7.22
C GLY E 54 -12.58 29.62 7.23
N SER E 55 -13.09 30.80 7.58
CA SER E 55 -14.51 31.16 7.60
C SER E 55 -15.35 30.88 6.35
N GLN E 56 -14.77 30.79 5.14
CA GLN E 56 -15.55 30.41 3.96
C GLN E 56 -15.87 28.91 4.07
N HIS E 57 -15.43 28.22 5.12
CA HIS E 57 -15.65 26.81 5.20
C HIS E 57 -16.55 26.58 6.38
N ILE E 58 -17.61 25.84 6.09
CA ILE E 58 -18.54 25.44 7.11
C ILE E 58 -17.87 24.25 7.77
N ASP E 59 -18.22 23.98 9.00
CA ASP E 59 -17.65 22.92 9.80
C ASP E 59 -17.63 21.53 9.14
N SER E 60 -18.59 21.20 8.26
CA SER E 60 -18.63 19.89 7.64
C SER E 60 -17.56 19.74 6.53
N GLN E 61 -17.10 20.88 6.01
CA GLN E 61 -16.09 20.91 5.00
C GLN E 61 -14.71 20.61 5.52
N LYS E 62 -14.44 20.71 6.82
CA LYS E 62 -13.08 20.60 7.34
C LYS E 62 -12.43 19.21 7.30
N LYS E 63 -13.24 18.17 7.44
CA LYS E 63 -12.71 16.83 7.30
C LYS E 63 -12.51 16.59 5.82
N ALA E 64 -13.37 17.14 4.96
CA ALA E 64 -13.27 16.92 3.51
C ALA E 64 -12.06 17.61 2.87
N ILE E 65 -11.66 18.79 3.37
CA ILE E 65 -10.41 19.51 3.08
C ILE E 65 -9.22 18.60 3.43
N GLU E 66 -9.17 18.00 4.64
CA GLU E 66 -8.09 17.10 5.02
C GLU E 66 -7.99 15.85 4.16
N ARG E 67 -9.14 15.22 3.88
CA ARG E 67 -9.18 14.09 3.01
C ARG E 67 -8.67 14.43 1.62
N MET E 68 -9.00 15.60 1.07
CA MET E 68 -8.56 15.99 -0.29
C MET E 68 -7.07 16.18 -0.30
N LYS E 69 -6.50 16.77 0.75
CA LYS E 69 -5.02 16.86 0.83
C LYS E 69 -4.45 15.44 0.92
N ASP E 70 -5.05 14.48 1.64
CA ASP E 70 -4.62 13.08 1.58
C ASP E 70 -4.66 12.44 0.21
N THR E 71 -5.81 12.54 -0.49
CA THR E 71 -5.90 12.09 -1.88
C THR E 71 -4.86 12.71 -2.82
N LEU E 72 -4.58 14.00 -2.79
CA LEU E 72 -3.59 14.62 -3.65
C LEU E 72 -2.17 14.12 -3.38
N ARG E 73 -1.79 13.87 -2.13
CA ARG E 73 -0.46 13.30 -1.89
C ARG E 73 -0.40 11.89 -2.48
N ILE E 74 -1.46 11.06 -2.32
CA ILE E 74 -1.39 9.70 -2.81
C ILE E 74 -1.26 9.69 -4.31
N THR E 75 -2.08 10.51 -4.97
CA THR E 75 -2.11 10.66 -6.42
C THR E 75 -0.77 11.12 -6.93
N TYR E 76 -0.13 12.15 -6.34
CA TYR E 76 1.21 12.59 -6.79
C TYR E 76 2.23 11.47 -6.70
N LEU E 77 2.33 10.85 -5.51
CA LEU E 77 3.33 9.82 -5.29
C LEU E 77 3.17 8.62 -6.20
N THR E 78 1.96 8.19 -6.59
CA THR E 78 1.77 7.00 -7.44
C THR E 78 1.54 7.26 -8.92
N GLU E 79 1.67 8.55 -9.24
CA GLU E 79 1.50 9.09 -10.57
C GLU E 79 0.17 8.69 -11.18
N THR E 80 -0.85 8.78 -10.35
CA THR E 80 -2.19 8.45 -10.77
C THR E 80 -2.66 9.58 -11.66
N LYS E 81 -3.27 9.20 -12.80
CA LYS E 81 -3.81 10.14 -13.78
C LYS E 81 -5.08 10.75 -13.18
N ILE E 82 -5.18 12.07 -13.08
CA ILE E 82 -6.39 12.76 -12.64
C ILE E 82 -7.20 13.04 -13.92
N ASP E 83 -8.53 12.85 -13.93
CA ASP E 83 -9.35 13.16 -15.08
C ASP E 83 -9.84 14.62 -15.04
N LYS E 84 -10.68 15.13 -14.11
CA LYS E 84 -11.12 16.49 -14.17
C LYS E 84 -11.07 17.09 -12.80
N LEU E 85 -11.03 18.42 -12.75
CA LEU E 85 -11.02 19.14 -11.49
C LEU E 85 -12.17 20.12 -11.43
N CYS E 86 -12.91 20.26 -10.36
CA CYS E 86 -13.91 21.32 -10.28
C CYS E 86 -13.28 22.38 -9.39
N VAL E 87 -13.04 23.61 -9.84
CA VAL E 87 -12.35 24.64 -9.08
C VAL E 87 -13.17 25.91 -8.97
N TRP E 88 -12.97 26.65 -7.88
CA TRP E 88 -13.45 27.99 -7.68
C TRP E 88 -12.41 28.88 -8.33
N ASN E 89 -12.80 29.63 -9.34
CA ASN E 89 -11.92 30.46 -10.14
C ASN E 89 -11.78 31.89 -9.65
N ASN E 90 -12.23 32.13 -8.43
CA ASN E 90 -12.18 33.43 -7.82
C ASN E 90 -11.05 33.46 -6.81
N LYS E 91 -10.03 32.61 -6.96
CA LYS E 91 -8.92 32.51 -6.05
C LYS E 91 -7.73 32.37 -6.94
N THR E 92 -6.55 32.76 -6.44
CA THR E 92 -5.26 32.57 -7.10
C THR E 92 -4.39 31.81 -6.11
N PRO E 93 -3.86 30.63 -6.40
CA PRO E 93 -4.27 29.78 -7.53
C PRO E 93 -5.73 29.40 -7.41
N ASN E 94 -6.35 28.77 -8.40
CA ASN E 94 -7.77 28.42 -8.28
C ASN E 94 -7.97 27.35 -7.23
N SER E 95 -8.96 27.34 -6.34
CA SER E 95 -9.07 26.29 -5.36
C SER E 95 -9.77 25.06 -5.84
N ILE E 96 -9.34 23.87 -5.42
CA ILE E 96 -10.05 22.62 -5.74
C ILE E 96 -11.29 22.49 -4.87
N ALA E 97 -12.39 22.17 -5.55
CA ALA E 97 -13.66 21.85 -4.94
C ALA E 97 -13.87 20.35 -5.08
N ALA E 98 -13.47 19.68 -6.16
CA ALA E 98 -13.76 18.26 -6.30
C ALA E 98 -12.83 17.72 -7.33
N ILE E 99 -12.53 16.42 -7.31
CA ILE E 99 -11.55 15.80 -8.19
C ILE E 99 -12.21 14.53 -8.70
N SER E 100 -11.97 14.12 -9.94
CA SER E 100 -12.43 12.81 -10.43
C SER E 100 -11.28 12.09 -11.12
N MET E 101 -11.29 10.77 -11.08
CA MET E 101 -10.23 9.97 -11.62
C MET E 101 -10.90 8.85 -12.34
N LYS E 102 -10.34 8.40 -13.44
CA LYS E 102 -10.93 7.36 -14.22
C LYS E 102 -9.97 6.27 -14.72
N ASN E 103 -10.48 5.04 -14.49
CA ASN E 103 -10.17 3.69 -15.01
C ASN E 103 -9.42 2.65 -14.17
N ARG F 1 21.17 -8.70 -13.64
CA ARG F 1 20.13 -8.28 -14.59
C ARG F 1 19.97 -9.27 -15.71
N LEU F 2 18.72 -9.53 -16.04
CA LEU F 2 18.37 -10.47 -17.08
C LEU F 2 17.83 -9.62 -18.23
N TYR F 3 17.67 -10.15 -19.45
CA TYR F 3 17.33 -9.38 -20.65
C TYR F 3 16.34 -10.13 -21.49
N ARG F 4 15.32 -9.51 -22.08
CA ARG F 4 14.35 -10.20 -22.92
C ARG F 4 13.94 -9.31 -24.08
N ALA F 5 14.07 -9.77 -25.33
CA ALA F 5 13.68 -9.04 -26.52
C ALA F 5 12.21 -9.25 -26.67
N ASP F 6 11.43 -8.24 -26.94
CA ASP F 6 10.02 -8.45 -27.04
C ASP F 6 9.40 -7.39 -27.98
N SER F 7 8.48 -7.79 -28.89
CA SER F 7 7.81 -6.83 -29.75
C SER F 7 6.81 -5.98 -28.97
N ARG F 8 6.21 -6.52 -27.88
CA ARG F 8 5.29 -5.76 -27.05
C ARG F 8 5.99 -4.56 -26.37
N PRO F 9 5.47 -3.35 -26.55
CA PRO F 9 6.06 -2.09 -26.11
C PRO F 9 5.82 -1.68 -24.67
N PRO F 10 6.64 -0.74 -24.14
CA PRO F 10 6.51 -0.15 -22.80
C PRO F 10 5.10 0.19 -22.28
N ASP F 11 4.28 0.82 -23.11
CA ASP F 11 2.90 1.15 -22.75
C ASP F 11 1.99 -0.05 -22.65
N GLU F 12 2.16 -1.08 -23.46
CA GLU F 12 1.31 -2.25 -23.38
C GLU F 12 1.66 -3.06 -22.14
N ILE F 13 2.95 -3.09 -21.85
CA ILE F 13 3.47 -3.76 -20.67
C ILE F 13 2.92 -3.09 -19.39
N LYS F 14 2.87 -1.75 -19.32
CA LYS F 14 2.37 -0.98 -18.20
C LYS F 14 0.94 -1.37 -17.98
N ARG F 15 0.16 -1.39 -19.07
CA ARG F 15 -1.23 -1.78 -19.01
C ARG F 15 -1.37 -3.20 -18.51
N SER F 16 -0.56 -4.15 -18.94
CA SER F 16 -0.66 -5.53 -18.51
C SER F 16 -0.15 -5.80 -17.09
N GLY F 17 0.62 -4.85 -16.56
CA GLY F 17 1.28 -5.04 -15.29
C GLY F 17 2.55 -5.90 -15.37
N GLY F 18 3.17 -5.98 -16.55
CA GLY F 18 4.41 -6.70 -16.73
C GLY F 18 4.45 -7.47 -18.02
N LEU F 19 5.49 -8.29 -18.21
CA LEU F 19 5.67 -9.15 -19.39
C LEU F 19 5.03 -10.46 -18.99
N MET F 20 3.86 -10.65 -19.59
CA MET F 20 2.97 -11.76 -19.35
C MET F 20 3.30 -12.98 -20.16
N PRO F 21 3.05 -14.23 -19.70
CA PRO F 21 3.03 -15.41 -20.56
C PRO F 21 1.81 -15.40 -21.46
N ARG F 22 1.94 -16.15 -22.53
CA ARG F 22 0.96 -16.33 -23.57
C ARG F 22 -0.43 -16.58 -23.06
N GLY F 23 -1.34 -15.68 -23.43
CA GLY F 23 -2.74 -15.80 -23.06
C GLY F 23 -3.04 -15.23 -21.67
N HIS F 24 -2.09 -14.72 -20.89
CA HIS F 24 -2.43 -14.13 -19.61
C HIS F 24 -2.45 -12.64 -19.93
N ASN F 25 -3.51 -11.94 -19.58
CA ASN F 25 -3.64 -10.54 -19.96
C ASN F 25 -3.18 -9.53 -18.93
N GLU F 26 -3.37 -9.84 -17.67
CA GLU F 26 -3.02 -8.90 -16.63
C GLU F 26 -2.26 -9.73 -15.63
N TYR F 27 -1.25 -9.14 -15.02
CA TYR F 27 -0.43 -9.84 -14.06
C TYR F 27 -1.27 -10.41 -12.93
N PHE F 28 -2.22 -9.67 -12.36
CA PHE F 28 -2.93 -10.20 -11.21
C PHE F 28 -4.27 -10.85 -11.50
N ASP F 29 -4.62 -11.08 -12.77
CA ASP F 29 -5.89 -11.66 -13.12
C ASP F 29 -5.91 -13.12 -12.67
N ARG F 30 -6.82 -13.44 -11.75
CA ARG F 30 -7.00 -14.80 -11.30
C ARG F 30 -8.10 -15.54 -12.05
N GLY F 31 -8.92 -14.87 -12.88
CA GLY F 31 -10.08 -15.49 -13.54
C GLY F 31 -9.70 -16.48 -14.63
N THR F 32 -8.99 -15.98 -15.63
CA THR F 32 -8.49 -16.79 -16.72
C THR F 32 -7.35 -17.59 -16.09
N GLN F 33 -7.59 -18.89 -15.90
CA GLN F 33 -6.61 -19.76 -15.27
C GLN F 33 -5.50 -20.13 -16.23
N MET F 34 -4.28 -20.18 -15.69
CA MET F 34 -3.06 -20.35 -16.48
C MET F 34 -2.34 -21.66 -16.15
N ASN F 35 -2.04 -22.53 -17.12
CA ASN F 35 -1.29 -23.76 -16.90
C ASN F 35 0.18 -23.37 -16.75
N ILE F 36 0.81 -23.91 -15.72
CA ILE F 36 2.20 -23.61 -15.45
C ILE F 36 2.90 -24.96 -15.38
N ASN F 37 3.91 -25.13 -16.24
CA ASN F 37 4.73 -26.33 -16.29
C ASN F 37 6.08 -25.94 -16.87
N LEU F 38 7.17 -26.06 -16.10
CA LEU F 38 8.48 -25.65 -16.58
C LEU F 38 9.01 -26.51 -17.73
N TYR F 39 8.95 -27.85 -17.70
CA TYR F 39 9.43 -28.70 -18.78
C TYR F 39 8.74 -28.35 -20.11
N ASP F 40 7.40 -28.24 -20.09
CA ASP F 40 6.57 -27.81 -21.21
C ASP F 40 6.88 -26.38 -21.67
N HIS F 41 7.09 -25.45 -20.74
CA HIS F 41 7.44 -24.09 -21.10
C HIS F 41 8.73 -24.17 -21.93
N ALA F 42 9.74 -24.82 -21.35
CA ALA F 42 11.11 -24.97 -21.84
C ALA F 42 11.36 -25.62 -23.21
N ARG F 43 10.45 -26.52 -23.58
CA ARG F 43 10.51 -27.20 -24.85
C ARG F 43 9.83 -26.49 -26.00
N GLY F 44 8.70 -25.82 -25.74
CA GLY F 44 7.91 -25.17 -26.76
C GLY F 44 8.64 -24.02 -27.45
N THR F 45 8.24 -23.59 -28.65
CA THR F 45 8.82 -22.42 -29.27
C THR F 45 7.63 -21.64 -29.82
N GLN F 46 7.78 -20.33 -30.01
CA GLN F 46 6.68 -19.52 -30.50
C GLN F 46 7.24 -18.64 -31.60
N THR F 47 6.38 -18.20 -32.49
CA THR F 47 6.83 -17.37 -33.59
C THR F 47 6.52 -15.93 -33.22
N GLY F 48 7.50 -15.05 -33.41
CA GLY F 48 7.33 -13.65 -33.05
C GLY F 48 7.44 -13.44 -31.54
N PHE F 49 7.81 -14.49 -30.79
CA PHE F 49 8.03 -14.40 -29.36
C PHE F 49 9.11 -15.33 -28.87
N VAL F 50 9.96 -14.78 -28.01
CA VAL F 50 10.93 -15.57 -27.24
C VAL F 50 10.02 -16.38 -26.29
N ARG F 51 10.33 -17.67 -26.03
CA ARG F 51 9.48 -18.58 -25.26
C ARG F 51 8.71 -17.96 -24.09
N TYR F 52 7.39 -18.05 -24.13
CA TYR F 52 6.60 -17.41 -23.09
C TYR F 52 5.32 -18.19 -22.81
N ASP F 53 5.30 -19.48 -23.06
CA ASP F 53 4.09 -20.25 -22.90
C ASP F 53 4.23 -21.12 -21.67
N ASP F 54 3.08 -21.64 -21.26
CA ASP F 54 2.88 -22.43 -20.05
C ASP F 54 3.34 -21.77 -18.76
N GLY F 55 2.84 -20.54 -18.58
CA GLY F 55 3.05 -19.82 -17.35
C GLY F 55 4.45 -19.33 -17.00
N TYR F 56 5.42 -19.28 -17.93
CA TYR F 56 6.74 -18.75 -17.64
C TYR F 56 7.18 -17.87 -18.82
N VAL F 57 8.01 -16.86 -18.58
CA VAL F 57 8.52 -15.96 -19.61
C VAL F 57 10.06 -16.07 -19.54
N SER F 58 10.78 -16.41 -20.63
CA SER F 58 12.24 -16.54 -20.62
C SER F 58 13.03 -15.28 -20.77
N THR F 59 14.22 -15.32 -20.18
CA THR F 59 15.16 -14.24 -20.26
C THR F 59 16.56 -14.85 -20.48
N SER F 60 17.45 -13.94 -20.88
CA SER F 60 18.83 -14.21 -21.19
C SER F 60 19.67 -13.55 -20.14
N LEU F 61 20.83 -14.13 -20.01
CA LEU F 61 21.82 -13.70 -19.05
C LEU F 61 22.60 -12.50 -19.50
N SER F 62 22.47 -12.10 -20.78
CA SER F 62 23.15 -10.92 -21.29
C SER F 62 22.36 -10.21 -22.38
N LEU F 63 22.69 -8.93 -22.58
CA LEU F 63 22.08 -8.13 -23.62
C LEU F 63 22.40 -8.74 -24.97
N ARG F 64 23.67 -9.07 -25.19
CA ARG F 64 24.08 -9.74 -26.41
C ARG F 64 23.26 -11.00 -26.61
N SER F 65 23.09 -11.92 -25.67
CA SER F 65 22.29 -13.10 -25.91
C SER F 65 20.85 -12.77 -26.17
N ALA F 66 20.30 -11.72 -25.56
CA ALA F 66 18.91 -11.36 -25.79
C ALA F 66 18.71 -10.83 -27.20
N HIS F 67 19.64 -10.02 -27.68
CA HIS F 67 19.60 -9.45 -29.01
C HIS F 67 19.72 -10.57 -30.03
N LEU F 68 20.58 -11.59 -29.82
CA LEU F 68 20.72 -12.67 -30.76
C LEU F 68 19.41 -13.44 -30.88
N ALA F 69 18.75 -13.70 -29.75
CA ALA F 69 17.44 -14.31 -29.77
C ALA F 69 16.38 -13.47 -30.47
N GLY F 70 16.36 -12.16 -30.23
CA GLY F 70 15.39 -11.28 -30.84
C GLY F 70 15.59 -11.24 -32.34
N GLN F 71 16.82 -11.18 -32.85
CA GLN F 71 17.02 -11.11 -34.30
C GLN F 71 16.54 -12.35 -35.02
N SER F 72 16.79 -13.51 -34.42
CA SER F 72 16.30 -14.78 -34.95
C SER F 72 14.78 -14.78 -35.04
N ILE F 73 14.00 -14.15 -34.15
CA ILE F 73 12.56 -14.30 -34.23
C ILE F 73 11.82 -13.00 -34.52
N LEU F 74 12.52 -11.86 -34.56
CA LEU F 74 11.91 -10.54 -34.73
C LEU F 74 12.67 -9.60 -35.66
N SER F 75 13.56 -10.11 -36.50
CA SER F 75 14.45 -9.31 -37.36
C SER F 75 13.87 -8.11 -38.12
N GLY F 76 12.95 -8.40 -39.06
CA GLY F 76 12.24 -7.39 -39.81
C GLY F 76 11.02 -6.93 -39.02
N TYR F 77 11.27 -6.26 -37.89
CA TYR F 77 10.28 -5.58 -37.07
C TYR F 77 10.95 -4.24 -37.08
N SER F 78 10.32 -3.18 -37.57
CA SER F 78 10.98 -1.89 -37.59
C SER F 78 11.46 -1.46 -36.20
N THR F 79 10.78 -1.83 -35.13
CA THR F 79 11.28 -1.62 -33.78
C THR F 79 10.79 -2.73 -32.86
N TYR F 80 11.60 -3.09 -31.88
CA TYR F 80 11.16 -3.97 -30.83
C TYR F 80 11.96 -3.55 -29.61
N TYR F 81 11.76 -4.14 -28.42
CA TYR F 81 12.46 -3.71 -27.22
C TYR F 81 13.23 -4.81 -26.51
N ILE F 82 14.31 -4.48 -25.83
CA ILE F 82 14.99 -5.45 -24.97
C ILE F 82 14.83 -4.88 -23.56
N TYR F 83 14.12 -5.63 -22.72
CA TYR F 83 13.85 -5.24 -21.34
C TYR F 83 14.98 -5.75 -20.47
N VAL F 84 15.35 -4.93 -19.47
CA VAL F 84 16.40 -5.17 -18.48
C VAL F 84 15.66 -5.45 -17.17
N ILE F 85 15.86 -6.62 -16.56
CA ILE F 85 15.05 -7.13 -15.47
C ILE F 85 15.87 -7.48 -14.23
N ALA F 86 15.39 -7.06 -13.06
CA ALA F 86 16.06 -7.39 -11.82
C ALA F 86 15.93 -8.88 -11.47
N THR F 87 16.93 -9.52 -10.86
CA THR F 87 16.80 -10.92 -10.42
C THR F 87 15.92 -10.96 -9.16
N ALA F 88 15.11 -12.00 -8.97
CA ALA F 88 14.21 -12.10 -7.84
C ALA F 88 13.79 -13.58 -7.77
N PRO F 89 13.30 -14.14 -6.66
CA PRO F 89 12.95 -15.55 -6.57
C PRO F 89 11.74 -15.99 -7.38
N ASN F 90 11.13 -15.21 -8.28
CA ASN F 90 10.18 -15.80 -9.22
C ASN F 90 10.95 -16.40 -10.42
N MET F 91 12.27 -16.17 -10.52
CA MET F 91 13.10 -16.57 -11.62
C MET F 91 13.83 -17.85 -11.26
N PHE F 92 13.81 -18.74 -12.24
CA PHE F 92 14.44 -20.05 -12.22
C PHE F 92 15.37 -20.23 -13.38
N ASN F 93 16.61 -20.61 -13.11
CA ASN F 93 17.56 -21.00 -14.14
C ASN F 93 17.08 -22.33 -14.73
N VAL F 94 16.59 -22.33 -15.96
CA VAL F 94 16.01 -23.54 -16.55
C VAL F 94 17.00 -24.71 -16.69
N ASN F 95 18.28 -24.44 -16.90
CA ASN F 95 19.24 -25.52 -17.07
C ASN F 95 19.50 -26.21 -15.76
N ASP F 96 19.43 -25.44 -14.67
CA ASP F 96 19.67 -25.95 -13.34
C ASP F 96 18.51 -26.73 -12.81
N VAL F 97 17.26 -26.47 -13.16
CA VAL F 97 16.17 -27.28 -12.64
C VAL F 97 15.92 -28.49 -13.52
N LEU F 98 16.08 -28.39 -14.85
CA LEU F 98 15.85 -29.52 -15.73
C LEU F 98 17.07 -30.39 -15.96
N GLY F 99 18.24 -29.79 -15.72
CA GLY F 99 19.51 -30.49 -15.74
C GLY F 99 19.88 -31.08 -17.09
N VAL F 100 20.28 -32.35 -17.02
CA VAL F 100 20.63 -33.13 -18.19
C VAL F 100 19.40 -33.26 -19.06
N TYR F 101 18.19 -33.05 -18.54
CA TYR F 101 17.01 -33.05 -19.38
C TYR F 101 16.70 -31.65 -19.93
N SER F 102 17.56 -30.63 -19.76
CA SER F 102 17.23 -29.29 -20.21
C SER F 102 17.21 -29.34 -21.72
N PRO F 103 16.08 -29.05 -22.37
CA PRO F 103 15.91 -29.11 -23.83
C PRO F 103 16.76 -28.14 -24.68
N HIS F 104 17.06 -26.89 -24.32
CA HIS F 104 17.85 -26.02 -25.16
C HIS F 104 18.98 -25.51 -24.30
N PRO F 105 19.90 -26.41 -23.98
CA PRO F 105 20.97 -26.17 -23.03
C PRO F 105 21.76 -24.91 -23.33
N TYR F 106 22.31 -24.88 -24.54
CA TYR F 106 23.14 -23.79 -25.01
C TYR F 106 22.54 -22.41 -24.93
N GLU F 107 21.26 -22.29 -24.66
CA GLU F 107 20.67 -21.00 -24.56
C GLU F 107 20.81 -20.40 -23.15
N GLN F 108 20.90 -21.20 -22.07
CA GLN F 108 21.02 -20.68 -20.70
C GLN F 108 19.95 -19.63 -20.36
N GLU F 109 18.69 -20.04 -20.39
CA GLU F 109 17.55 -19.16 -20.16
C GLU F 109 17.18 -19.13 -18.69
N VAL F 110 16.69 -18.01 -18.17
CA VAL F 110 16.15 -17.93 -16.81
C VAL F 110 14.70 -17.54 -17.00
N SER F 111 13.78 -18.37 -16.53
CA SER F 111 12.38 -18.16 -16.71
C SER F 111 11.73 -17.64 -15.45
N ALA F 112 10.75 -16.76 -15.63
CA ALA F 112 10.01 -16.16 -14.54
C ALA F 112 8.67 -16.83 -14.40
N LEU F 113 8.39 -17.48 -13.26
CA LEU F 113 7.12 -18.14 -12.97
C LEU F 113 6.05 -17.07 -12.90
N GLY F 114 5.09 -17.18 -13.81
CA GLY F 114 3.93 -16.31 -13.89
C GLY F 114 4.12 -14.97 -14.58
N GLY F 115 5.27 -14.67 -15.20
CA GLY F 115 5.43 -13.36 -15.83
C GLY F 115 6.37 -12.51 -14.99
N ILE F 116 6.65 -11.29 -15.42
CA ILE F 116 7.60 -10.41 -14.74
C ILE F 116 6.77 -9.19 -14.41
N PRO F 117 6.46 -8.84 -13.15
CA PRO F 117 5.68 -7.65 -12.89
C PRO F 117 6.43 -6.40 -13.33
N TYR F 118 5.67 -5.35 -13.67
CA TYR F 118 6.22 -4.10 -14.19
C TYR F 118 7.22 -3.46 -13.23
N SER F 119 7.05 -3.60 -11.92
CA SER F 119 7.98 -3.04 -10.96
C SER F 119 9.37 -3.70 -10.86
N GLN F 120 9.54 -4.87 -11.48
CA GLN F 120 10.78 -5.63 -11.49
C GLN F 120 11.57 -5.30 -12.75
N ILE F 121 11.00 -4.55 -13.71
CA ILE F 121 11.66 -4.24 -14.97
C ILE F 121 12.34 -2.92 -14.71
N TYR F 122 13.67 -2.98 -14.70
CA TYR F 122 14.56 -1.86 -14.52
C TYR F 122 14.46 -0.84 -15.68
N GLY F 123 14.44 -1.29 -16.91
CA GLY F 123 14.42 -0.36 -18.03
C GLY F 123 14.38 -1.13 -19.32
N TRP F 124 14.64 -0.47 -20.43
CA TRP F 124 14.57 -1.08 -21.73
C TRP F 124 15.37 -0.28 -22.73
N TYR F 125 15.76 -1.00 -23.78
CA TYR F 125 16.43 -0.44 -24.95
C TYR F 125 15.47 -0.59 -26.12
N ARG F 126 15.46 0.38 -27.04
CA ARG F 126 14.72 0.30 -28.30
C ARG F 126 15.66 -0.27 -29.34
N VAL F 127 15.14 -1.12 -30.21
CA VAL F 127 15.93 -1.70 -31.25
C VAL F 127 15.20 -1.24 -32.51
N ASN F 128 15.89 -0.49 -33.35
CA ASN F 128 15.39 0.03 -34.62
C ASN F 128 16.08 -0.66 -35.76
N PHE F 129 15.29 -1.39 -36.56
CA PHE F 129 15.72 -2.18 -37.71
C PHE F 129 16.81 -3.14 -37.29
N GLY F 130 16.66 -3.76 -36.11
CA GLY F 130 17.62 -4.74 -35.61
C GLY F 130 18.86 -4.14 -34.98
N VAL F 131 19.00 -2.83 -34.88
CA VAL F 131 20.16 -2.22 -34.34
C VAL F 131 19.67 -1.64 -33.04
N ILE F 132 20.32 -1.99 -31.92
CA ILE F 132 19.98 -1.48 -30.59
C ILE F 132 20.44 -0.03 -30.46
N ASP F 133 19.58 0.85 -29.92
CA ASP F 133 19.87 2.23 -29.60
C ASP F 133 20.41 2.08 -28.19
N GLU F 134 21.69 2.39 -28.01
CA GLU F 134 22.39 2.24 -26.74
C GLU F 134 21.90 2.99 -25.52
N ARG F 135 20.84 3.79 -25.56
CA ARG F 135 20.40 4.52 -24.38
C ARG F 135 19.37 3.70 -23.61
N LEU F 136 19.61 3.43 -22.34
CA LEU F 136 18.64 2.69 -21.55
C LEU F 136 17.58 3.64 -21.05
N HIS F 137 16.31 3.27 -21.15
CA HIS F 137 15.25 4.12 -20.65
C HIS F 137 14.99 3.50 -19.29
N ARG F 138 14.92 4.26 -18.20
CA ARG F 138 14.82 3.66 -16.90
C ARG F 138 13.35 3.61 -16.57
N ASN F 139 12.83 2.55 -15.99
CA ASN F 139 11.43 2.47 -15.64
C ASN F 139 11.27 3.26 -14.37
N ARG F 140 10.46 4.33 -14.34
CA ARG F 140 10.21 5.12 -13.14
C ARG F 140 9.63 4.27 -12.00
N GLU F 141 8.88 3.20 -12.32
CA GLU F 141 8.25 2.44 -11.26
C GLU F 141 9.05 1.23 -10.78
N TYR F 142 10.33 1.19 -11.10
CA TYR F 142 11.15 0.05 -10.73
C TYR F 142 11.29 0.10 -9.20
N ARG F 143 11.03 -0.93 -8.39
CA ARG F 143 11.19 -0.81 -6.95
C ARG F 143 12.64 -1.09 -6.59
N ASP F 144 13.44 -0.05 -6.60
CA ASP F 144 14.85 -0.17 -6.26
C ASP F 144 15.14 -0.69 -4.86
N ARG F 145 14.51 -0.30 -3.75
CA ARG F 145 14.95 -0.80 -2.48
C ARG F 145 14.52 -2.25 -2.38
N TYR F 146 13.38 -2.64 -2.93
CA TYR F 146 12.97 -4.01 -2.79
C TYR F 146 13.85 -4.97 -3.56
N TYR F 147 14.00 -4.73 -4.86
CA TYR F 147 14.73 -5.63 -5.74
C TYR F 147 16.24 -5.57 -5.59
N ARG F 148 16.71 -4.53 -4.91
CA ARG F 148 18.13 -4.21 -4.78
C ARG F 148 19.02 -5.38 -4.42
N ASN F 149 18.49 -6.19 -3.54
CA ASN F 149 19.23 -7.25 -2.93
C ASN F 149 18.70 -8.66 -3.24
N LEU F 150 17.76 -8.85 -4.18
CA LEU F 150 17.17 -10.15 -4.42
C LEU F 150 17.89 -10.92 -5.49
N ASN F 151 17.65 -12.22 -5.55
CA ASN F 151 18.29 -12.96 -6.61
C ASN F 151 17.39 -14.07 -7.04
N ILE F 152 17.77 -14.69 -8.15
CA ILE F 152 17.19 -15.89 -8.76
C ILE F 152 16.76 -16.94 -7.72
N ALA F 153 15.70 -17.72 -7.82
CA ALA F 153 15.45 -18.76 -6.83
C ALA F 153 16.49 -19.86 -7.03
N PRO F 154 17.08 -20.44 -5.96
CA PRO F 154 17.97 -21.59 -6.07
C PRO F 154 17.21 -22.78 -6.61
N ALA F 155 17.92 -23.56 -7.42
CA ALA F 155 17.40 -24.72 -8.12
C ALA F 155 16.65 -25.71 -7.24
N GLU F 156 17.10 -25.86 -5.99
CA GLU F 156 16.46 -26.68 -4.94
C GLU F 156 14.95 -26.47 -4.80
N ASP F 157 14.60 -25.18 -4.92
CA ASP F 157 13.23 -24.70 -4.82
C ASP F 157 12.38 -24.93 -6.05
N GLY F 158 12.99 -25.28 -7.19
CA GLY F 158 12.25 -25.53 -8.41
C GLY F 158 12.13 -26.99 -8.83
N TYR F 159 12.97 -27.93 -8.32
CA TYR F 159 12.91 -29.35 -8.71
C TYR F 159 11.51 -29.90 -8.59
N ARG F 160 10.75 -29.48 -7.56
CA ARG F 160 9.38 -29.93 -7.40
C ARG F 160 8.38 -29.22 -8.30
N LEU F 161 8.87 -28.20 -8.99
CA LEU F 161 8.12 -27.45 -10.00
C LEU F 161 8.59 -27.82 -11.41
N ALA F 162 9.55 -28.74 -11.61
CA ALA F 162 10.03 -29.12 -12.94
C ALA F 162 8.96 -29.46 -13.96
N GLY F 163 7.87 -30.10 -13.56
CA GLY F 163 6.81 -30.42 -14.49
C GLY F 163 7.14 -31.59 -15.42
N PHE F 164 8.04 -32.48 -15.03
CA PHE F 164 8.34 -33.65 -15.84
C PHE F 164 7.08 -34.52 -15.78
N PRO F 165 6.67 -35.18 -16.87
CA PRO F 165 5.56 -36.12 -16.90
C PRO F 165 5.73 -37.27 -15.89
N PRO F 166 4.66 -37.91 -15.38
CA PRO F 166 4.73 -38.80 -14.23
C PRO F 166 5.63 -40.00 -14.38
N ASP F 167 5.87 -40.39 -15.64
CA ASP F 167 6.63 -41.56 -16.04
C ASP F 167 8.04 -41.26 -16.49
N HIS F 168 8.46 -40.03 -16.31
CA HIS F 168 9.76 -39.62 -16.77
C HIS F 168 10.79 -40.07 -15.75
N GLN F 169 11.83 -40.79 -16.13
CA GLN F 169 12.80 -41.34 -15.20
C GLN F 169 13.42 -40.35 -14.24
N ALA F 170 13.45 -39.06 -14.60
CA ALA F 170 13.94 -38.00 -13.72
C ALA F 170 13.30 -38.01 -12.32
N TRP F 171 12.04 -38.35 -12.22
CA TRP F 171 11.36 -38.44 -10.95
C TRP F 171 11.86 -39.63 -10.12
N ARG F 172 12.49 -40.57 -10.79
CA ARG F 172 13.08 -41.74 -10.19
C ARG F 172 14.55 -41.46 -9.99
N GLU F 173 15.08 -40.24 -10.09
CA GLU F 173 16.49 -40.06 -9.82
C GLU F 173 16.80 -38.74 -9.16
N GLU F 174 17.94 -38.71 -8.49
CA GLU F 174 18.40 -37.52 -7.83
C GLU F 174 18.64 -36.42 -8.88
N PRO F 175 18.34 -35.13 -8.62
CA PRO F 175 17.77 -34.66 -7.37
C PRO F 175 16.24 -34.75 -7.26
N TRP F 176 15.58 -34.91 -8.39
CA TRP F 176 14.15 -34.74 -8.49
C TRP F 176 13.37 -35.70 -7.61
N ILE F 177 13.99 -36.86 -7.34
CA ILE F 177 13.39 -37.91 -6.51
C ILE F 177 13.00 -37.44 -5.11
N HIS F 178 13.87 -36.62 -4.50
CA HIS F 178 13.62 -36.12 -3.16
C HIS F 178 12.60 -34.99 -3.17
N HIS F 179 11.99 -34.65 -4.32
CA HIS F 179 11.14 -33.51 -4.46
C HIS F 179 9.93 -33.81 -5.32
N ALA F 180 9.64 -35.06 -5.69
CA ALA F 180 8.51 -35.35 -6.59
C ALA F 180 7.11 -35.04 -6.05
N PRO F 181 6.23 -34.27 -6.75
CA PRO F 181 4.81 -34.14 -6.44
C PRO F 181 4.14 -35.49 -6.17
N GLN F 182 3.11 -35.62 -5.33
CA GLN F 182 2.49 -36.92 -5.07
C GLN F 182 1.67 -37.27 -6.30
N GLY F 183 2.21 -38.25 -7.02
CA GLY F 183 1.59 -38.76 -8.23
C GLY F 183 2.60 -38.89 -9.37
N CYS F 184 3.84 -38.52 -9.09
CA CYS F 184 4.95 -38.60 -10.01
C CYS F 184 5.98 -39.35 -9.19
N GLY F 185 7.11 -39.77 -9.76
CA GLY F 185 8.19 -40.32 -8.94
C GLY F 185 8.21 -41.81 -8.68
N GLY G 1 -1.52 -40.16 -15.70
CA GLY G 1 -2.82 -39.69 -15.26
C GLY G 1 -2.72 -38.23 -14.85
N ASP G 2 -3.81 -37.61 -14.41
CA ASP G 2 -3.74 -36.21 -14.05
C ASP G 2 -3.09 -35.91 -12.70
N THR G 3 -3.22 -36.62 -11.58
CA THR G 3 -2.67 -36.15 -10.30
C THR G 3 -1.26 -35.63 -10.31
N CYS G 4 -0.30 -36.24 -11.02
CA CYS G 4 1.04 -35.69 -11.14
C CYS G 4 0.98 -34.27 -11.69
N ASN G 5 0.25 -34.22 -12.80
CA ASN G 5 0.02 -33.02 -13.58
C ASN G 5 -0.72 -32.01 -12.74
N GLU G 6 -1.77 -32.44 -12.01
CA GLU G 6 -2.58 -31.53 -11.23
C GLU G 6 -1.78 -31.06 -10.03
N GLU G 7 -0.86 -31.85 -9.49
CA GLU G 7 -0.05 -31.41 -8.39
C GLU G 7 0.99 -30.40 -8.85
N THR G 8 1.62 -30.54 -10.03
CA THR G 8 2.57 -29.53 -10.49
C THR G 8 1.85 -28.20 -10.74
N GLN G 9 0.66 -28.25 -11.33
CA GLN G 9 -0.16 -27.08 -11.47
C GLN G 9 -0.49 -26.48 -10.08
N ASN G 10 -1.04 -27.21 -9.11
CA ASN G 10 -1.35 -26.70 -7.78
C ASN G 10 -0.12 -26.14 -7.09
N LEU G 11 1.04 -26.78 -7.14
CA LEU G 11 2.22 -26.29 -6.48
C LEU G 11 2.77 -25.03 -7.14
N SER G 12 2.78 -25.00 -8.47
CA SER G 12 3.25 -23.86 -9.20
C SER G 12 2.31 -22.68 -9.00
N THR G 13 0.98 -22.85 -8.89
CA THR G 13 0.07 -21.76 -8.56
C THR G 13 0.33 -21.25 -7.13
N ILE G 14 0.58 -22.10 -6.14
CA ILE G 14 0.92 -21.67 -4.79
C ILE G 14 2.16 -20.77 -4.73
N TYR G 15 3.29 -21.20 -5.28
CA TYR G 15 4.51 -20.37 -5.28
C TYR G 15 4.23 -19.02 -5.99
N LEU G 16 3.45 -18.97 -7.09
CA LEU G 16 3.09 -17.75 -7.75
C LEU G 16 2.19 -16.93 -6.88
N ARG G 17 1.08 -17.40 -6.29
CA ARG G 17 0.21 -16.60 -5.43
C ARG G 17 1.02 -15.97 -4.31
N GLU G 18 1.96 -16.72 -3.76
CA GLU G 18 2.86 -16.19 -2.78
C GLU G 18 3.75 -15.10 -3.28
N TYR G 19 4.41 -15.21 -4.44
CA TYR G 19 5.26 -14.12 -4.91
C TYR G 19 4.35 -12.91 -5.18
N GLN G 20 3.15 -13.12 -5.74
CA GLN G 20 2.23 -12.03 -6.04
C GLN G 20 1.83 -11.22 -4.82
N SER G 21 1.64 -11.88 -3.68
CA SER G 21 1.42 -11.22 -2.42
C SER G 21 2.62 -10.34 -2.07
N LYS G 22 3.88 -10.75 -2.31
CA LYS G 22 5.02 -9.91 -2.01
C LYS G 22 5.02 -8.62 -2.80
N VAL G 23 4.68 -8.74 -4.08
CA VAL G 23 4.53 -7.62 -5.00
C VAL G 23 3.36 -6.73 -4.57
N LYS G 24 2.20 -7.26 -4.17
CA LYS G 24 1.09 -6.42 -3.73
C LYS G 24 1.44 -5.66 -2.45
N ARG G 25 2.19 -6.28 -1.53
CA ARG G 25 2.69 -5.61 -0.32
C ARG G 25 3.59 -4.42 -0.69
N GLN G 26 4.32 -4.46 -1.80
CA GLN G 26 5.10 -3.32 -2.25
C GLN G 26 4.23 -2.27 -2.88
N ILE G 27 3.52 -2.62 -3.95
CA ILE G 27 2.85 -1.58 -4.70
C ILE G 27 1.55 -1.12 -4.11
N PHE G 28 0.79 -1.93 -3.38
CA PHE G 28 -0.45 -1.44 -2.78
C PHE G 28 -0.24 -0.63 -1.51
N SER G 29 0.83 -0.88 -0.77
CA SER G 29 1.19 -0.10 0.40
C SER G 29 1.40 1.36 0.15
N ASP G 30 1.83 1.73 -1.08
CA ASP G 30 1.91 3.14 -1.47
C ASP G 30 0.62 3.95 -1.38
N TYR G 31 -0.53 3.25 -1.45
CA TYR G 31 -1.85 3.86 -1.37
C TYR G 31 -2.42 3.92 0.04
N GLN G 32 -1.81 3.24 1.03
CA GLN G 32 -2.31 3.19 2.39
C GLN G 32 -2.20 4.58 2.96
N SER G 33 -3.29 5.11 3.54
CA SER G 33 -3.28 6.46 4.07
C SER G 33 -3.61 6.31 5.53
N GLU G 34 -2.79 6.89 6.44
CA GLU G 34 -2.97 6.67 7.85
C GLU G 34 -4.01 7.62 8.37
N VAL G 35 -4.70 7.12 9.37
CA VAL G 35 -5.84 7.81 9.93
C VAL G 35 -5.46 8.44 11.26
N ASP G 36 -6.00 9.63 11.59
CA ASP G 36 -5.86 10.20 12.91
C ASP G 36 -7.04 9.63 13.70
N ILE G 37 -6.73 8.59 14.45
CA ILE G 37 -7.77 7.84 15.14
C ILE G 37 -8.34 8.63 16.27
N TYR G 38 -7.51 9.41 16.94
CA TYR G 38 -8.03 10.19 18.02
C TYR G 38 -9.02 11.23 17.51
N ASN G 39 -8.93 11.86 16.33
CA ASN G 39 -9.98 12.84 16.02
C ASN G 39 -11.14 12.18 15.29
N ARG G 40 -10.87 11.04 14.68
CA ARG G 40 -11.90 10.22 14.08
C ARG G 40 -12.97 9.79 15.11
N ILE G 41 -12.50 9.38 16.31
CA ILE G 41 -13.32 8.92 17.44
C ILE G 41 -13.73 10.00 18.45
#